data_3AR9
#
_entry.id   3AR9
#
_cell.length_a   90.388
_cell.length_b   135.807
_cell.length_c   105.425
_cell.angle_alpha   90.00
_cell.angle_beta   90.00
_cell.angle_gamma   90.00
#
_symmetry.space_group_name_H-M   'P 21 21 2'
#
loop_
_entity.id
_entity.type
_entity.pdbx_description
1 polymer 'Sarcoplasmic/endoplasmic reticulum calcium ATPase 1'
2 non-polymer 'SODIUM ION'
3 non-polymer 'MAGNESIUM ION'
4 non-polymer 'BERYLLIUM TRIFLUORIDE ION'
5 non-polymer "2',3'-O-[(1r)-2,4,6-trinitrocyclohexa-2,5-diene-1,1-diyl]adenosine 5'-(dihydrogen phosphate)"
6 non-polymer 'OCTANOIC ACID [3S-[3ALPHA, 3ABETA, 4ALPHA, 6BETA, 6ABETA, 7BETA, 8ALPHA(Z), 9BALPHA]]-6-(ACETYLOXY)-2,3,-3A,4,5,6,6A,7,8,9B-DECAHYDRO-3,3A-DIHYDROXY-3,6,9-TRIMETHYL-8-[(2-METHYL-1-OXO-2-BUTENYL)OX Y]-2-OXO-4-(1-OXOBUTOXY)-AZULENO[4,5-B]FURAN-7-YL ESTER'
7 water water
#
_entity_poly.entity_id   1
_entity_poly.type   'polypeptide(L)'
_entity_poly.pdbx_seq_one_letter_code
;(ACE)MEAAHSKSTEECLAYFGVSETTGLTPDQVKRHLEKYGHNELPAEEGKSLWELVIEQFEDLLVRILLLAACISFVL
AWFEEGEETITAFVEPFVILLILIANAIVGVWQERNAENAIEALKEYEPEMGKVYRADRKSVQRIKARDIVPGDIVEVAV
GDKVPADIRILSIKSTTLRVDQSILTGESVSVIKHTEPVPDPRAVNQDKKNMLFSGTNIAAGKALGIVATTGVSTEIGKI
RDQMAATEQDKTPLQQKLDEFGEQLSKVISLICVAVWLINIGHFNDPVHGGSWIRGAIYYFKIAVALAVAAIPEGLPAVI
TTCLALGTRRMAKKNAIVRSLPSVETLGCTSVICSDKTGTLTTNQMSVCKMFIIDKVDGDFCSLNEFSITGSTYAPEGEV
LKNDKPIRSGQFDGLVELATICALCNDSSLDFNETKGVYEKVGEATETALTTLVEKMNVFNTEVRNLSKVERANACNSVI
RQLMKKEFTLEFSRDRKSMSVYCSPAKSSRAAVGNKMFVKGAPEGVIDRCNYVRVGTTRVPMTGPVKEKILSVIKEWGTG
RDTLRCLALATRDTPPKREEMVLDDSSRFMEYETDLTFVGVVGMLDPPRKEVMGSIQLCRDAGIRVIMITGDNKGTAIAI
CRRIGIFGENEEVADRAYTGREFDDLPLAEQREACRRACCFARVEPSHKSKIVEYLQSYDEITAMTGDGVNDAPALKKAE
IGIAMGSGTAVAKTASEMVLADDNFSTIVAAVEEGRAIYNNMKQFIRYLISSNVGEVVCIFLTAALGLPEALIPVQLLWV
NLVTDGLPATALGFNPPDLDIMDRPPRSPKEPLISGWLFFRYMAIGGYVGAATVGAAAWWFMYAEDGPGVTYHQLTHFMQ
CTEDHPHFEGLDCEIFEAPEPMTMALSVLVTIEMCNALNSLSENQSLMRMPPWVNIWLLGSICLSMSLHFLILYVDPLPM
IFKLKALDLTQWLMVLKISLPVIGLDEILKFIARNYLEG
;
_entity_poly.pdbx_strand_id   A
#
# COMPACT_ATOMS: atom_id res chain seq x y z
N MET A 2 27.94 18.47 -13.16
CA MET A 2 28.77 17.66 -14.04
C MET A 2 28.34 16.21 -14.02
N GLU A 3 27.39 15.85 -14.88
CA GLU A 3 26.96 14.46 -14.92
C GLU A 3 28.03 13.71 -15.69
N ALA A 4 28.13 12.41 -15.43
CA ALA A 4 29.15 11.57 -16.09
C ALA A 4 30.50 11.77 -15.41
N ALA A 5 30.49 12.46 -14.27
CA ALA A 5 31.69 12.71 -13.49
C ALA A 5 32.31 11.39 -13.02
N HIS A 6 31.50 10.33 -13.01
CA HIS A 6 32.00 9.03 -12.58
C HIS A 6 33.02 8.47 -13.56
N SER A 7 32.87 8.82 -14.83
CA SER A 7 33.77 8.34 -15.88
C SER A 7 35.00 9.23 -16.01
N LYS A 8 34.92 10.43 -15.43
CA LYS A 8 36.01 11.37 -15.47
C LYS A 8 36.94 11.15 -14.27
N SER A 9 38.20 11.52 -14.43
CA SER A 9 39.18 11.38 -13.35
C SER A 9 38.97 12.49 -12.31
N THR A 10 39.68 12.39 -11.19
CA THR A 10 39.57 13.38 -10.14
C THR A 10 40.03 14.78 -10.57
N GLU A 11 41.10 14.87 -11.37
CA GLU A 11 41.61 16.16 -11.82
C GLU A 11 40.66 16.77 -12.83
N GLU A 12 40.09 15.91 -13.68
CA GLU A 12 39.14 16.35 -14.70
C GLU A 12 37.92 17.00 -14.06
N CYS A 13 37.53 16.52 -12.89
CA CYS A 13 36.37 17.05 -12.19
C CYS A 13 36.68 18.39 -11.52
N LEU A 14 37.90 18.53 -11.02
CA LEU A 14 38.31 19.79 -10.39
C LEU A 14 38.42 20.81 -11.50
N ALA A 15 39.14 20.44 -12.55
CA ALA A 15 39.33 21.32 -13.70
C ALA A 15 37.98 21.80 -14.18
N TYR A 16 37.11 20.84 -14.47
CA TYR A 16 35.76 21.14 -14.97
C TYR A 16 35.04 22.23 -14.18
N PHE A 17 35.24 22.29 -12.87
CA PHE A 17 34.57 23.30 -12.07
C PHE A 17 35.52 24.43 -11.69
N GLY A 18 36.79 24.28 -12.08
CA GLY A 18 37.78 25.29 -11.75
C GLY A 18 37.90 25.55 -10.26
N VAL A 19 37.93 24.49 -9.47
CA VAL A 19 38.03 24.64 -8.02
C VAL A 19 39.27 23.96 -7.43
N SER A 20 39.74 24.49 -6.30
CA SER A 20 40.90 23.96 -5.60
C SER A 20 40.46 22.93 -4.57
N GLU A 21 41.10 21.77 -4.58
CA GLU A 21 40.76 20.70 -3.64
C GLU A 21 41.14 21.07 -2.21
N THR A 22 42.13 21.95 -2.06
CA THR A 22 42.61 22.36 -0.75
C THR A 22 41.77 23.48 -0.10
N THR A 23 41.21 24.36 -0.90
CA THR A 23 40.46 25.46 -0.35
C THR A 23 38.96 25.43 -0.63
N GLY A 24 38.59 24.84 -1.76
CA GLY A 24 37.20 24.81 -2.15
C GLY A 24 36.80 26.11 -2.83
N LEU A 25 35.57 26.17 -3.31
CA LEU A 25 35.06 27.36 -3.98
C LEU A 25 35.25 28.63 -3.18
N THR A 26 35.39 29.74 -3.89
CA THR A 26 35.53 31.05 -3.29
C THR A 26 34.10 31.56 -3.22
N PRO A 27 33.77 32.39 -2.23
CA PRO A 27 32.42 32.92 -2.10
C PRO A 27 31.85 33.50 -3.39
N ASP A 28 32.74 33.95 -4.26
CA ASP A 28 32.29 34.52 -5.53
C ASP A 28 31.77 33.38 -6.39
N GLN A 29 32.57 32.32 -6.51
CA GLN A 29 32.19 31.14 -7.28
C GLN A 29 30.88 30.58 -6.74
N VAL A 30 30.79 30.48 -5.41
CA VAL A 30 29.58 29.97 -4.78
C VAL A 30 28.38 30.76 -5.28
N LYS A 31 28.52 32.08 -5.35
CA LYS A 31 27.43 32.93 -5.82
C LYS A 31 27.15 32.71 -7.30
N ARG A 32 28.18 32.42 -8.07
CA ARG A 32 27.99 32.18 -9.49
C ARG A 32 27.33 30.83 -9.77
N HIS A 33 27.75 29.81 -9.02
CA HIS A 33 27.18 28.47 -9.19
C HIS A 33 25.75 28.41 -8.70
N LEU A 34 25.45 29.17 -7.65
CA LEU A 34 24.08 29.20 -7.13
C LEU A 34 23.20 29.77 -8.24
N GLU A 35 23.74 30.75 -8.94
CA GLU A 35 23.06 31.43 -10.03
C GLU A 35 22.78 30.48 -11.19
N LYS A 36 23.83 29.78 -11.62
CA LYS A 36 23.76 28.85 -12.74
C LYS A 36 23.15 27.49 -12.44
N TYR A 37 23.07 27.12 -11.16
CA TYR A 37 22.56 25.81 -10.79
C TYR A 37 21.38 25.78 -9.84
N GLY A 38 21.15 26.88 -9.12
CA GLY A 38 20.05 26.91 -8.18
C GLY A 38 20.40 26.12 -6.93
N HIS A 39 19.57 26.24 -5.90
CA HIS A 39 19.79 25.55 -4.64
C HIS A 39 19.66 24.04 -4.80
N ASN A 40 20.19 23.32 -3.82
CA ASN A 40 20.17 21.86 -3.82
C ASN A 40 18.93 21.34 -3.09
N GLU A 41 17.81 21.42 -3.78
CA GLU A 41 16.53 20.97 -3.22
C GLU A 41 15.56 20.62 -4.34
N LEU A 42 14.45 19.99 -3.97
CA LEU A 42 13.43 19.61 -4.94
C LEU A 42 12.24 20.55 -4.83
N PRO A 43 11.77 21.08 -5.97
CA PRO A 43 10.62 22.00 -5.97
C PRO A 43 9.40 21.42 -5.26
N ALA A 44 8.69 22.28 -4.54
CA ALA A 44 7.49 21.88 -3.81
C ALA A 44 6.42 21.38 -4.77
N GLU A 45 6.00 20.14 -4.55
CA GLU A 45 4.97 19.50 -5.37
C GLU A 45 3.61 19.91 -4.82
N GLU A 46 2.85 20.69 -5.59
CA GLU A 46 1.54 21.18 -5.16
C GLU A 46 0.52 21.19 -6.31
N GLY A 47 -0.73 20.82 -5.99
CA GLY A 47 -1.76 20.80 -7.00
C GLY A 47 -3.17 20.53 -6.46
N LYS A 48 -4.17 21.07 -7.14
CA LYS A 48 -5.57 20.91 -6.76
C LYS A 48 -5.81 21.24 -5.29
N SER A 49 -6.11 22.51 -5.03
CA SER A 49 -6.37 22.98 -3.67
C SER A 49 -7.70 22.46 -3.15
N LEU A 50 -8.04 22.84 -1.93
CA LEU A 50 -9.29 22.41 -1.30
C LEU A 50 -10.51 22.87 -2.11
N TRP A 51 -10.32 23.88 -2.95
CA TRP A 51 -11.40 24.41 -3.76
C TRP A 51 -11.46 23.77 -5.14
N GLU A 52 -10.31 23.39 -5.68
CA GLU A 52 -10.25 22.78 -7.00
C GLU A 52 -10.94 21.42 -6.99
N LEU A 53 -11.04 20.81 -5.80
CA LEU A 53 -11.72 19.52 -5.67
C LEU A 53 -13.21 19.75 -5.79
N VAL A 54 -13.70 20.79 -5.12
CA VAL A 54 -15.12 21.13 -5.17
C VAL A 54 -15.50 21.36 -6.62
N ILE A 55 -14.55 21.88 -7.39
CA ILE A 55 -14.78 22.16 -8.81
C ILE A 55 -15.05 20.83 -9.52
N GLU A 56 -14.03 19.98 -9.53
CA GLU A 56 -14.12 18.67 -10.17
C GLU A 56 -15.19 17.81 -9.49
N GLN A 57 -15.59 18.23 -8.29
CA GLN A 57 -16.61 17.50 -7.54
C GLN A 57 -17.92 17.47 -8.31
N PHE A 58 -18.38 18.65 -8.73
CA PHE A 58 -19.63 18.78 -9.46
C PHE A 58 -19.48 18.50 -10.95
N GLU A 59 -18.41 17.82 -11.32
CA GLU A 59 -18.17 17.47 -12.72
C GLU A 59 -18.82 16.12 -13.02
N ASP A 60 -19.22 15.42 -11.96
CA ASP A 60 -19.87 14.12 -12.09
C ASP A 60 -21.16 14.27 -12.88
N LEU A 61 -21.29 13.51 -13.97
CA LEU A 61 -22.47 13.57 -14.82
C LEU A 61 -23.77 13.40 -14.05
N LEU A 62 -23.79 12.43 -13.14
CA LEU A 62 -24.96 12.17 -12.33
C LEU A 62 -25.35 13.41 -11.53
N VAL A 63 -24.36 14.04 -10.90
CA VAL A 63 -24.58 15.23 -10.10
C VAL A 63 -25.15 16.35 -10.95
N ARG A 64 -24.48 16.67 -12.06
CA ARG A 64 -24.96 17.72 -12.94
C ARG A 64 -26.41 17.47 -13.34
N ILE A 65 -26.74 16.23 -13.64
CA ILE A 65 -28.09 15.87 -14.03
C ILE A 65 -29.02 16.06 -12.83
N LEU A 66 -28.58 15.61 -11.66
CA LEU A 66 -29.37 15.72 -10.44
C LEU A 66 -29.46 17.18 -10.00
N LEU A 67 -28.60 18.01 -10.58
CA LEU A 67 -28.58 19.43 -10.25
C LEU A 67 -29.39 20.19 -11.30
N LEU A 68 -29.21 19.80 -12.56
CA LEU A 68 -29.93 20.44 -13.65
C LEU A 68 -31.41 20.17 -13.45
N ALA A 69 -31.71 19.10 -12.73
CA ALA A 69 -33.09 18.72 -12.44
C ALA A 69 -33.62 19.50 -11.25
N ALA A 70 -32.74 19.77 -10.28
CA ALA A 70 -33.13 20.52 -9.09
C ALA A 70 -33.54 21.93 -9.47
N CYS A 71 -32.95 22.44 -10.55
CA CYS A 71 -33.25 23.78 -11.05
C CYS A 71 -34.67 23.81 -11.62
N ILE A 72 -35.03 22.76 -12.35
CA ILE A 72 -36.34 22.65 -12.93
C ILE A 72 -37.36 22.54 -11.79
N SER A 73 -37.13 21.59 -10.88
CA SER A 73 -38.01 21.39 -9.74
C SER A 73 -38.16 22.67 -8.95
N PHE A 74 -37.13 23.52 -9.00
CA PHE A 74 -37.14 24.79 -8.27
C PHE A 74 -38.09 25.78 -8.96
N VAL A 75 -38.09 25.77 -10.28
CA VAL A 75 -38.95 26.65 -11.04
C VAL A 75 -40.41 26.23 -10.83
N LEU A 76 -40.60 24.94 -10.61
CA LEU A 76 -41.93 24.38 -10.39
C LEU A 76 -42.35 24.48 -8.93
N ALA A 77 -41.65 25.32 -8.16
CA ALA A 77 -41.95 25.50 -6.75
C ALA A 77 -42.89 26.69 -6.57
N TRP A 78 -42.56 27.80 -7.23
CA TRP A 78 -43.38 29.01 -7.15
C TRP A 78 -44.62 28.87 -8.03
N PHE A 79 -44.46 28.19 -9.15
CA PHE A 79 -45.57 27.97 -10.09
C PHE A 79 -46.63 27.07 -9.49
N GLU A 80 -46.69 27.00 -8.17
CA GLU A 80 -47.68 26.18 -7.48
C GLU A 80 -48.71 27.04 -6.77
N GLU A 81 -49.96 26.95 -7.22
CA GLU A 81 -51.06 27.72 -6.65
C GLU A 81 -51.28 27.35 -5.18
N GLY A 82 -52.10 28.13 -4.50
CA GLY A 82 -52.37 27.86 -3.10
C GLY A 82 -53.13 26.57 -2.86
N GLU A 83 -52.40 25.46 -2.72
CA GLU A 83 -53.00 24.16 -2.47
C GLU A 83 -51.91 23.16 -2.06
N GLU A 84 -50.70 23.36 -2.59
CA GLU A 84 -49.57 22.51 -2.29
C GLU A 84 -48.28 23.31 -2.21
N THR A 85 -48.40 24.63 -2.25
CA THR A 85 -47.24 25.52 -2.17
C THR A 85 -46.76 25.67 -0.74
N ILE A 86 -47.10 24.69 0.10
CA ILE A 86 -46.72 24.65 1.50
C ILE A 86 -45.35 23.97 1.66
N THR A 87 -45.06 23.07 0.73
CA THR A 87 -43.80 22.34 0.71
C THR A 87 -43.30 22.31 -0.73
N ALA A 88 -43.67 23.35 -1.48
CA ALA A 88 -43.30 23.47 -2.89
C ALA A 88 -41.81 23.72 -3.10
N PHE A 89 -41.13 24.20 -2.06
CA PHE A 89 -39.70 24.48 -2.16
C PHE A 89 -38.86 23.44 -1.41
N VAL A 90 -39.53 22.53 -0.72
CA VAL A 90 -38.85 21.49 0.02
C VAL A 90 -38.07 20.61 -0.94
N GLU A 91 -38.77 20.08 -1.95
CA GLU A 91 -38.13 19.22 -2.94
C GLU A 91 -36.90 19.86 -3.59
N PRO A 92 -37.08 21.02 -4.26
CA PRO A 92 -35.94 21.67 -4.90
C PRO A 92 -34.79 21.96 -3.94
N PHE A 93 -35.06 21.87 -2.65
CA PHE A 93 -34.02 22.13 -1.63
C PHE A 93 -33.33 20.83 -1.22
N VAL A 94 -34.09 19.88 -0.70
CA VAL A 94 -33.51 18.61 -0.26
C VAL A 94 -32.64 18.01 -1.35
N ILE A 95 -33.10 18.12 -2.61
CA ILE A 95 -32.34 17.60 -3.74
C ILE A 95 -30.97 18.24 -3.74
N LEU A 96 -30.94 19.55 -3.50
CA LEU A 96 -29.71 20.28 -3.46
C LEU A 96 -28.91 19.90 -2.22
N LEU A 97 -29.58 19.82 -1.08
CA LEU A 97 -28.94 19.48 0.19
C LEU A 97 -28.18 18.17 0.09
N ILE A 98 -28.70 17.26 -0.74
CA ILE A 98 -28.08 15.96 -0.94
C ILE A 98 -26.88 16.08 -1.90
N LEU A 99 -26.97 17.04 -2.81
CA LEU A 99 -25.90 17.29 -3.77
C LEU A 99 -24.72 17.91 -3.03
N ILE A 100 -25.03 18.52 -1.90
CA ILE A 100 -24.02 19.17 -1.07
C ILE A 100 -23.37 18.14 -0.16
N ALA A 101 -24.20 17.26 0.39
CA ALA A 101 -23.73 16.21 1.27
C ALA A 101 -22.75 15.29 0.53
N ASN A 102 -23.22 14.68 -0.55
CA ASN A 102 -22.37 13.80 -1.34
C ASN A 102 -21.23 14.59 -1.96
N ALA A 103 -21.34 15.91 -1.92
CA ALA A 103 -20.31 16.79 -2.45
C ALA A 103 -19.13 16.78 -1.49
N ILE A 104 -19.40 17.02 -0.23
CA ILE A 104 -18.35 17.02 0.79
C ILE A 104 -17.96 15.58 1.13
N VAL A 105 -18.81 14.63 0.75
CA VAL A 105 -18.55 13.22 1.00
C VAL A 105 -17.36 12.81 0.14
N GLY A 106 -17.26 13.43 -1.04
CA GLY A 106 -16.16 13.13 -1.93
C GLY A 106 -14.92 13.93 -1.58
N VAL A 107 -15.13 15.16 -1.12
CA VAL A 107 -14.02 16.03 -0.74
C VAL A 107 -13.33 15.49 0.51
N TRP A 108 -14.10 14.89 1.39
CA TRP A 108 -13.56 14.33 2.63
C TRP A 108 -12.66 13.14 2.28
N GLN A 109 -12.99 12.45 1.19
CA GLN A 109 -12.22 11.29 0.74
C GLN A 109 -11.09 11.70 -0.21
N GLU A 110 -10.60 12.93 -0.08
CA GLU A 110 -9.52 13.40 -0.93
C GLU A 110 -8.67 14.43 -0.18
N ARG A 111 -9.33 15.29 0.57
CA ARG A 111 -8.65 16.31 1.35
C ARG A 111 -7.60 15.67 2.24
N ASN A 112 -7.96 14.55 2.85
CA ASN A 112 -7.05 13.82 3.73
C ASN A 112 -5.94 13.13 2.94
N ALA A 113 -4.94 13.91 2.56
CA ALA A 113 -3.80 13.39 1.80
C ALA A 113 -2.53 14.10 2.24
N GLU A 114 -1.40 13.42 2.15
CA GLU A 114 -0.11 14.00 2.54
C GLU A 114 0.59 14.60 1.32
N ASN A 115 1.75 15.22 1.57
CA ASN A 115 2.51 15.86 0.50
C ASN A 115 3.79 15.06 0.23
N ALA A 116 4.03 14.74 -1.04
CA ALA A 116 5.21 13.97 -1.44
C ALA A 116 6.52 14.73 -1.21
N ILE A 117 6.68 15.86 -1.90
CA ILE A 117 7.90 16.67 -1.77
C ILE A 117 8.14 17.19 -0.36
N GLU A 118 7.07 17.45 0.39
CA GLU A 118 7.22 17.93 1.76
C GLU A 118 7.68 16.78 2.65
N ALA A 119 7.52 15.56 2.13
CA ALA A 119 7.93 14.36 2.86
C ALA A 119 9.36 14.04 2.42
N LEU A 120 9.66 14.36 1.17
CA LEU A 120 10.99 14.11 0.62
C LEU A 120 12.06 14.91 1.37
N LYS A 121 11.68 16.05 1.93
CA LYS A 121 12.60 16.88 2.69
C LYS A 121 12.92 16.23 4.03
N GLU A 122 12.14 15.20 4.37
CA GLU A 122 12.34 14.46 5.62
C GLU A 122 13.41 13.41 5.35
N TYR A 123 13.81 13.30 4.08
CA TYR A 123 14.84 12.37 3.66
C TYR A 123 16.06 13.16 3.19
N GLU A 124 15.80 14.28 2.53
CA GLU A 124 16.84 15.17 2.03
C GLU A 124 17.62 15.70 3.25
N PRO A 125 18.94 15.51 3.26
CA PRO A 125 19.76 15.97 4.38
C PRO A 125 19.54 17.44 4.75
N GLU A 126 19.67 17.74 6.04
CA GLU A 126 19.49 19.10 6.54
C GLU A 126 20.77 19.91 6.33
N MET A 127 21.88 19.40 6.86
CA MET A 127 23.17 20.09 6.75
C MET A 127 24.21 19.31 5.94
N GLY A 128 25.30 20.00 5.61
CA GLY A 128 26.39 19.40 4.86
C GLY A 128 27.71 19.99 5.32
N LYS A 129 28.81 19.31 5.02
CA LYS A 129 30.14 19.80 5.40
C LYS A 129 30.98 20.12 4.17
N VAL A 130 31.37 21.38 4.07
CA VAL A 130 32.15 21.84 2.94
C VAL A 130 33.36 22.66 3.33
N TYR A 131 34.32 22.72 2.42
CA TYR A 131 35.50 23.53 2.59
C TYR A 131 35.33 24.59 1.52
N ARG A 132 35.32 25.85 1.93
CA ARG A 132 35.21 26.97 1.00
C ARG A 132 36.36 27.92 1.34
N ALA A 133 36.85 28.64 0.33
CA ALA A 133 37.97 29.57 0.48
C ALA A 133 37.75 30.54 1.64
N ASP A 134 36.50 30.77 1.95
CA ASP A 134 36.05 31.61 3.06
C ASP A 134 36.92 31.40 4.31
N ARG A 135 36.91 30.17 4.83
CA ARG A 135 37.69 29.80 6.00
C ARG A 135 38.39 28.47 5.79
N LYS A 136 39.50 28.29 6.49
CA LYS A 136 40.31 27.09 6.39
C LYS A 136 39.60 25.86 6.95
N SER A 137 38.85 26.08 8.01
CA SER A 137 38.11 25.03 8.68
C SER A 137 36.88 24.61 7.91
N VAL A 138 36.42 23.38 8.14
CA VAL A 138 35.24 22.88 7.46
C VAL A 138 34.03 23.68 7.95
N GLN A 139 33.06 23.88 7.07
CA GLN A 139 31.87 24.63 7.44
C GLN A 139 30.61 23.79 7.27
N ARG A 140 29.80 23.72 8.32
CA ARG A 140 28.55 22.99 8.27
C ARG A 140 27.54 24.02 7.77
N ILE A 141 26.83 23.71 6.70
CA ILE A 141 25.86 24.66 6.17
C ILE A 141 24.53 23.97 5.83
N LYS A 142 23.57 24.75 5.35
CA LYS A 142 22.29 24.17 4.98
C LYS A 142 22.62 23.35 3.73
N ALA A 143 22.20 22.09 3.71
CA ALA A 143 22.49 21.24 2.57
C ALA A 143 21.94 21.86 1.28
N ARG A 144 20.92 22.70 1.42
CA ARG A 144 20.31 23.34 0.27
C ARG A 144 21.21 24.41 -0.35
N ASP A 145 22.17 24.90 0.42
CA ASP A 145 23.08 25.93 -0.08
C ASP A 145 24.32 25.35 -0.78
N ILE A 146 24.39 24.03 -0.85
CA ILE A 146 25.50 23.37 -1.50
C ILE A 146 25.33 23.52 -3.02
N VAL A 147 26.43 23.59 -3.74
CA VAL A 147 26.36 23.75 -5.20
C VAL A 147 27.38 22.86 -5.88
N PRO A 148 27.12 22.50 -7.14
CA PRO A 148 28.09 21.65 -7.85
C PRO A 148 29.44 22.33 -7.75
N GLY A 149 30.51 21.53 -7.67
CA GLY A 149 31.83 22.12 -7.58
C GLY A 149 32.30 22.28 -6.15
N ASP A 150 31.37 22.23 -5.19
CA ASP A 150 31.75 22.35 -3.77
C ASP A 150 32.64 21.19 -3.36
N ILE A 151 33.49 21.44 -2.36
CA ILE A 151 34.34 20.39 -1.83
C ILE A 151 33.66 19.97 -0.55
N VAL A 152 33.20 18.71 -0.52
CA VAL A 152 32.50 18.20 0.64
C VAL A 152 33.29 17.15 1.39
N GLU A 153 33.07 17.12 2.70
CA GLU A 153 33.72 16.15 3.57
C GLU A 153 32.62 15.31 4.20
N VAL A 154 32.85 14.00 4.27
CA VAL A 154 31.85 13.13 4.88
C VAL A 154 32.55 12.12 5.74
N ALA A 155 31.91 11.76 6.84
CA ALA A 155 32.46 10.79 7.77
C ALA A 155 31.35 9.84 8.23
N VAL A 156 31.76 8.74 8.83
CA VAL A 156 30.85 7.72 9.32
C VAL A 156 29.64 8.35 9.99
N GLY A 157 28.46 7.85 9.66
CA GLY A 157 27.24 8.38 10.24
C GLY A 157 26.62 9.51 9.44
N ASP A 158 27.40 10.17 8.59
CA ASP A 158 26.87 11.27 7.80
C ASP A 158 25.95 10.80 6.70
N LYS A 159 25.00 11.65 6.35
CA LYS A 159 24.09 11.38 5.26
C LYS A 159 24.65 12.20 4.09
N VAL A 160 25.08 11.53 3.03
CA VAL A 160 25.61 12.25 1.88
C VAL A 160 24.61 13.36 1.52
N PRO A 161 25.09 14.60 1.40
CA PRO A 161 24.24 15.74 1.07
C PRO A 161 23.92 16.01 -0.40
N ALA A 162 24.68 15.43 -1.32
CA ALA A 162 24.43 15.64 -2.75
C ALA A 162 25.17 14.56 -3.51
N ASP A 163 24.97 14.51 -4.83
CA ASP A 163 25.68 13.50 -5.62
C ASP A 163 27.11 13.98 -5.71
N ILE A 164 28.02 13.17 -5.15
CA ILE A 164 29.43 13.54 -5.08
C ILE A 164 30.47 12.62 -5.68
N ARG A 165 31.40 13.22 -6.41
CA ARG A 165 32.50 12.48 -7.02
C ARG A 165 33.57 12.41 -5.92
N ILE A 166 33.99 11.22 -5.53
CA ILE A 166 34.99 11.09 -4.47
C ILE A 166 36.36 11.53 -4.96
N LEU A 167 37.07 12.33 -4.14
CA LEU A 167 38.38 12.85 -4.51
C LEU A 167 39.52 12.12 -3.82
N SER A 168 39.40 11.94 -2.52
CA SER A 168 40.41 11.24 -1.75
C SER A 168 39.79 10.69 -0.47
N ILE A 169 40.02 9.40 -0.25
CA ILE A 169 39.51 8.73 0.95
C ILE A 169 40.57 8.91 2.03
N LYS A 170 40.15 9.44 3.17
CA LYS A 170 41.06 9.67 4.29
C LYS A 170 41.32 8.41 5.11
N SER A 171 40.27 7.64 5.38
CA SER A 171 40.40 6.40 6.12
C SER A 171 41.01 5.31 5.25
N THR A 172 41.34 4.19 5.86
CA THR A 172 41.94 3.07 5.13
C THR A 172 40.98 2.60 4.05
N THR A 173 39.68 2.79 4.28
CA THR A 173 38.64 2.41 3.32
C THR A 173 37.36 3.22 3.59
N LEU A 174 36.46 3.21 2.61
CA LEU A 174 35.19 3.92 2.71
C LEU A 174 34.06 2.96 2.33
N ARG A 175 33.21 2.64 3.29
CA ARG A 175 32.10 1.75 3.07
C ARG A 175 30.84 2.59 3.08
N VAL A 176 29.93 2.33 2.13
CA VAL A 176 28.70 3.10 2.04
C VAL A 176 27.42 2.30 1.90
N ASP A 177 26.47 2.64 2.77
CA ASP A 177 25.16 2.00 2.80
C ASP A 177 24.24 2.72 1.82
N GLN A 178 23.97 2.07 0.69
CA GLN A 178 23.11 2.65 -0.35
C GLN A 178 21.81 1.85 -0.56
N SER A 179 21.33 1.18 0.49
CA SER A 179 20.13 0.36 0.36
C SER A 179 18.85 1.14 0.05
N ILE A 180 18.77 2.36 0.56
CA ILE A 180 17.60 3.17 0.31
C ILE A 180 17.49 3.62 -1.14
N LEU A 181 18.62 3.62 -1.86
CA LEU A 181 18.62 4.05 -3.25
C LEU A 181 18.79 2.94 -4.26
N THR A 182 19.79 2.11 -4.02
CA THR A 182 20.12 1.01 -4.92
C THR A 182 19.56 -0.33 -4.45
N GLY A 183 19.17 -0.41 -3.19
CA GLY A 183 18.64 -1.66 -2.67
C GLY A 183 19.70 -2.68 -2.30
N GLU A 184 20.97 -2.31 -2.37
CA GLU A 184 22.07 -3.22 -2.01
C GLU A 184 22.03 -3.51 -0.52
N SER A 185 22.10 -4.79 -0.15
CA SER A 185 22.01 -5.18 1.27
C SER A 185 23.30 -5.11 2.07
N VAL A 186 24.40 -4.81 1.40
CA VAL A 186 25.72 -4.71 2.04
C VAL A 186 26.39 -3.38 1.70
N SER A 187 26.94 -2.71 2.70
CA SER A 187 27.60 -1.43 2.45
C SER A 187 28.60 -1.62 1.29
N VAL A 188 28.85 -0.54 0.57
CA VAL A 188 29.74 -0.58 -0.58
C VAL A 188 31.12 0.01 -0.35
N ILE A 189 32.15 -0.72 -0.78
CA ILE A 189 33.51 -0.21 -0.67
C ILE A 189 33.74 0.72 -1.86
N LYS A 190 34.00 1.99 -1.58
CA LYS A 190 34.22 2.98 -2.61
C LYS A 190 35.70 3.19 -2.94
N HIS A 191 35.95 3.90 -4.03
CA HIS A 191 37.31 4.21 -4.45
C HIS A 191 37.33 5.57 -5.17
N THR A 192 38.47 5.94 -5.74
CA THR A 192 38.57 7.23 -6.41
C THR A 192 38.91 7.17 -7.89
N GLU A 193 39.26 5.98 -8.38
CA GLU A 193 39.60 5.79 -9.78
C GLU A 193 38.38 6.03 -10.65
N PRO A 194 38.57 6.40 -11.92
CA PRO A 194 37.39 6.63 -12.76
C PRO A 194 36.71 5.33 -13.20
N VAL A 195 35.41 5.43 -13.46
CA VAL A 195 34.63 4.28 -13.91
C VAL A 195 34.32 4.55 -15.39
N PRO A 196 35.11 3.94 -16.28
CA PRO A 196 35.07 4.03 -17.74
C PRO A 196 33.67 4.07 -18.37
N ASP A 197 32.92 2.99 -18.25
CA ASP A 197 31.60 2.89 -18.84
C ASP A 197 30.62 4.00 -18.43
N PRO A 198 30.29 4.91 -19.36
CA PRO A 198 29.36 6.01 -19.11
C PRO A 198 27.95 5.53 -18.83
N ARG A 199 27.64 4.31 -19.28
CA ARG A 199 26.33 3.70 -19.10
C ARG A 199 26.27 2.92 -17.78
N ALA A 200 27.23 3.15 -16.90
CA ALA A 200 27.28 2.46 -15.62
C ALA A 200 26.10 2.81 -14.73
N VAL A 201 25.56 1.81 -14.04
CA VAL A 201 24.45 2.05 -13.13
C VAL A 201 25.01 2.39 -11.74
N ASN A 202 24.17 2.99 -10.90
CA ASN A 202 24.60 3.38 -9.57
C ASN A 202 25.44 2.33 -8.84
N GLN A 203 25.04 1.06 -8.91
CA GLN A 203 25.78 -0.01 -8.26
C GLN A 203 27.19 -0.16 -8.83
N ASP A 204 27.44 0.48 -9.97
CA ASP A 204 28.75 0.39 -10.61
C ASP A 204 29.60 1.64 -10.38
N LYS A 205 28.95 2.73 -10.02
CA LYS A 205 29.63 4.00 -9.76
C LYS A 205 30.29 3.95 -8.40
N LYS A 206 31.39 3.19 -8.32
CA LYS A 206 32.11 3.02 -7.07
C LYS A 206 33.02 4.15 -6.60
N ASN A 207 33.05 5.23 -7.37
CA ASN A 207 33.86 6.40 -7.02
C ASN A 207 32.90 7.56 -6.79
N MET A 208 31.62 7.23 -6.64
CA MET A 208 30.60 8.25 -6.42
C MET A 208 29.92 8.09 -5.07
N LEU A 209 29.34 9.18 -4.60
CA LEU A 209 28.62 9.17 -3.34
C LEU A 209 27.28 9.81 -3.71
N PHE A 210 26.18 9.17 -3.35
CA PHE A 210 24.86 9.69 -3.71
C PHE A 210 24.09 10.31 -2.59
N SER A 211 23.50 11.47 -2.88
CA SER A 211 22.72 12.19 -1.90
C SER A 211 21.67 11.26 -1.29
N GLY A 212 21.50 11.33 0.03
CA GLY A 212 20.51 10.50 0.69
C GLY A 212 21.05 9.23 1.35
N THR A 213 22.14 8.71 0.82
CA THR A 213 22.76 7.51 1.38
C THR A 213 23.59 7.93 2.61
N ASN A 214 24.09 6.97 3.38
CA ASN A 214 24.87 7.36 4.56
C ASN A 214 26.20 6.63 4.61
N ILE A 215 27.15 7.18 5.36
CA ILE A 215 28.49 6.57 5.47
C ILE A 215 28.51 5.53 6.59
N ALA A 216 28.76 4.28 6.19
CA ALA A 216 28.82 3.18 7.12
C ALA A 216 30.17 3.15 7.83
N ALA A 217 31.22 3.58 7.14
CA ALA A 217 32.54 3.60 7.73
C ALA A 217 33.51 4.48 6.93
N GLY A 218 34.37 5.20 7.65
CA GLY A 218 35.37 6.03 7.01
C GLY A 218 35.13 7.52 6.92
N LYS A 219 36.09 8.19 6.28
CA LYS A 219 36.07 9.63 6.09
C LYS A 219 36.58 9.92 4.69
N ALA A 220 35.84 10.72 3.93
CA ALA A 220 36.26 11.03 2.58
C ALA A 220 36.04 12.47 2.16
N LEU A 221 36.77 12.89 1.15
CA LEU A 221 36.64 14.24 0.62
C LEU A 221 36.20 14.10 -0.83
N GLY A 222 35.24 14.91 -1.23
CA GLY A 222 34.78 14.81 -2.61
C GLY A 222 34.31 16.13 -3.18
N ILE A 223 34.03 16.12 -4.47
CA ILE A 223 33.55 17.31 -5.13
C ILE A 223 32.15 17.05 -5.66
N VAL A 224 31.23 17.96 -5.36
CA VAL A 224 29.84 17.85 -5.78
C VAL A 224 29.70 17.82 -7.30
N ALA A 225 29.09 16.75 -7.82
CA ALA A 225 28.90 16.63 -9.26
C ALA A 225 27.53 17.19 -9.65
N THR A 226 26.49 16.86 -8.88
CA THR A 226 25.15 17.34 -9.19
C THR A 226 24.34 17.60 -7.93
N THR A 227 23.30 18.42 -8.06
CA THR A 227 22.43 18.73 -6.92
C THR A 227 21.00 18.82 -7.40
N GLY A 228 20.09 19.20 -6.51
CA GLY A 228 18.69 19.31 -6.88
C GLY A 228 18.13 18.12 -7.65
N VAL A 229 17.32 18.43 -8.65
CA VAL A 229 16.68 17.40 -9.46
C VAL A 229 17.62 16.61 -10.34
N SER A 230 18.91 16.97 -10.32
CA SER A 230 19.89 16.24 -11.12
C SER A 230 20.54 15.11 -10.33
N THR A 231 20.24 15.03 -9.03
CA THR A 231 20.79 13.96 -8.22
C THR A 231 20.02 12.69 -8.52
N GLU A 232 20.64 11.55 -8.26
CA GLU A 232 20.02 10.25 -8.52
C GLU A 232 18.64 10.15 -7.89
N ILE A 233 18.47 10.77 -6.74
CA ILE A 233 17.18 10.75 -6.07
C ILE A 233 16.33 11.85 -6.68
N GLY A 234 16.97 12.85 -7.26
CA GLY A 234 16.22 13.92 -7.89
C GLY A 234 15.52 13.34 -9.11
N LYS A 235 16.25 12.59 -9.92
CA LYS A 235 15.68 11.98 -11.11
C LYS A 235 14.49 11.12 -10.73
N ILE A 236 14.74 10.17 -9.83
CA ILE A 236 13.70 9.25 -9.37
C ILE A 236 12.45 9.96 -8.88
N ARG A 237 12.60 11.16 -8.32
CA ARG A 237 11.45 11.90 -7.85
C ARG A 237 10.64 12.42 -9.04
N ASP A 238 11.34 12.72 -10.14
CA ASP A 238 10.64 13.18 -11.32
C ASP A 238 9.91 12.00 -11.94
N GLN A 239 10.62 10.90 -12.12
CA GLN A 239 10.01 9.69 -12.65
C GLN A 239 8.68 9.52 -11.93
N MET A 240 8.74 9.65 -10.61
CA MET A 240 7.57 9.51 -9.77
C MET A 240 6.47 10.51 -10.13
N ALA A 241 6.84 11.77 -10.31
CA ALA A 241 5.88 12.81 -10.64
C ALA A 241 5.37 12.69 -12.08
N ALA A 242 6.12 11.99 -12.93
CA ALA A 242 5.74 11.80 -14.32
C ALA A 242 4.93 10.52 -14.57
N THR A 243 4.56 9.80 -13.50
CA THR A 243 3.80 8.57 -13.65
C THR A 243 2.31 8.84 -13.52
N GLU A 244 1.56 8.30 -14.45
CA GLU A 244 0.12 8.49 -14.48
C GLU A 244 -0.61 7.34 -13.79
N GLN A 245 -1.77 7.65 -13.23
CA GLN A 245 -2.58 6.66 -12.55
C GLN A 245 -4.03 6.76 -13.04
N ASP A 246 -4.62 5.62 -13.37
CA ASP A 246 -6.01 5.57 -13.85
C ASP A 246 -6.95 5.57 -12.66
N LYS A 247 -8.24 5.72 -12.94
CA LYS A 247 -9.23 5.71 -11.87
C LYS A 247 -9.45 4.27 -11.43
N THR A 248 -10.10 4.12 -10.29
CA THR A 248 -10.40 2.80 -9.76
C THR A 248 -11.29 2.07 -10.75
N PRO A 249 -11.01 0.78 -10.99
CA PRO A 249 -11.83 0.01 -11.92
C PRO A 249 -13.31 0.13 -11.57
N LEU A 250 -13.60 0.20 -10.27
CA LEU A 250 -14.96 0.34 -9.79
C LEU A 250 -15.45 1.73 -10.14
N GLN A 251 -14.52 2.69 -10.17
CA GLN A 251 -14.86 4.07 -10.50
C GLN A 251 -15.09 4.22 -12.00
N GLN A 252 -14.32 3.48 -12.79
CA GLN A 252 -14.46 3.51 -14.23
C GLN A 252 -15.81 2.89 -14.55
N LYS A 253 -16.20 1.94 -13.70
CA LYS A 253 -17.45 1.22 -13.86
C LYS A 253 -18.64 2.13 -13.46
N LEU A 254 -18.43 2.93 -12.44
CA LEU A 254 -19.46 3.85 -11.95
C LEU A 254 -19.61 5.02 -12.91
N ASP A 255 -18.53 5.34 -13.63
CA ASP A 255 -18.58 6.45 -14.57
C ASP A 255 -19.32 6.01 -15.84
N GLU A 256 -18.91 4.89 -16.40
CA GLU A 256 -19.54 4.33 -17.60
C GLU A 256 -21.03 4.18 -17.35
N PHE A 257 -21.37 3.73 -16.14
CA PHE A 257 -22.77 3.57 -15.74
C PHE A 257 -23.52 4.88 -15.94
N GLY A 258 -22.90 5.97 -15.48
CA GLY A 258 -23.53 7.27 -15.62
C GLY A 258 -23.57 7.70 -17.08
N GLU A 259 -22.47 7.51 -17.78
CA GLU A 259 -22.39 7.89 -19.18
C GLU A 259 -23.54 7.25 -19.96
N GLN A 260 -23.91 6.03 -19.57
CA GLN A 260 -24.98 5.30 -20.22
C GLN A 260 -26.33 5.72 -19.65
N LEU A 261 -26.40 5.85 -18.33
CA LEU A 261 -27.63 6.25 -17.67
C LEU A 261 -28.14 7.56 -18.25
N SER A 262 -27.21 8.45 -18.56
CA SER A 262 -27.53 9.77 -19.12
C SER A 262 -28.15 9.63 -20.51
N LYS A 263 -27.62 8.72 -21.30
CA LYS A 263 -28.12 8.49 -22.65
C LYS A 263 -29.54 7.91 -22.60
N VAL A 264 -29.78 7.08 -21.58
CA VAL A 264 -31.08 6.45 -21.38
C VAL A 264 -32.11 7.49 -20.93
N ILE A 265 -31.72 8.30 -19.96
CA ILE A 265 -32.61 9.33 -19.44
C ILE A 265 -33.12 10.19 -20.59
N SER A 266 -32.20 10.83 -21.30
CA SER A 266 -32.58 11.69 -22.43
C SER A 266 -33.29 10.87 -23.50
N LEU A 267 -33.09 9.56 -23.48
CA LEU A 267 -33.73 8.69 -24.47
C LEU A 267 -35.18 8.43 -24.06
N ILE A 268 -35.43 8.40 -22.75
CA ILE A 268 -36.78 8.18 -22.25
C ILE A 268 -37.54 9.50 -22.29
N CYS A 269 -36.84 10.58 -21.99
CA CYS A 269 -37.46 11.91 -22.00
C CYS A 269 -37.99 12.23 -23.39
N VAL A 270 -37.41 11.59 -24.40
CA VAL A 270 -37.84 11.80 -25.77
C VAL A 270 -38.80 10.69 -26.19
N ALA A 271 -38.55 9.48 -25.71
CA ALA A 271 -39.40 8.33 -26.02
C ALA A 271 -40.82 8.58 -25.53
N VAL A 272 -40.93 9.26 -24.39
CA VAL A 272 -42.22 9.58 -23.80
C VAL A 272 -42.77 10.83 -24.48
N TRP A 273 -41.87 11.71 -24.88
CA TRP A 273 -42.21 12.95 -25.56
C TRP A 273 -42.90 12.64 -26.89
N LEU A 274 -42.41 11.60 -27.56
CA LEU A 274 -42.97 11.18 -28.84
C LEU A 274 -44.43 10.76 -28.69
N ILE A 275 -44.79 10.31 -27.50
CA ILE A 275 -46.16 9.88 -27.22
C ILE A 275 -46.97 11.06 -26.68
N ASN A 276 -46.73 12.24 -27.24
CA ASN A 276 -47.42 13.45 -26.82
C ASN A 276 -47.88 14.30 -28.00
N ILE A 277 -47.92 13.70 -29.19
CA ILE A 277 -48.34 14.41 -30.39
C ILE A 277 -49.85 14.63 -30.30
N GLY A 278 -50.48 13.93 -29.37
CA GLY A 278 -51.92 14.03 -29.18
C GLY A 278 -52.37 15.40 -28.69
N HIS A 279 -51.44 16.19 -28.17
CA HIS A 279 -51.78 17.52 -27.67
C HIS A 279 -52.10 18.45 -28.85
N PHE A 280 -51.60 18.09 -30.03
CA PHE A 280 -51.82 18.88 -31.23
C PHE A 280 -53.03 18.39 -32.04
N ASN A 281 -54.04 17.88 -31.34
CA ASN A 281 -55.25 17.39 -31.99
C ASN A 281 -56.53 17.74 -31.22
N ASP A 282 -56.53 17.53 -29.90
CA ASP A 282 -57.69 17.83 -29.08
C ASP A 282 -58.07 19.32 -29.16
N PRO A 283 -59.23 19.61 -29.76
CA PRO A 283 -59.69 21.00 -29.92
C PRO A 283 -59.96 21.71 -28.58
N VAL A 284 -58.92 22.25 -27.98
CA VAL A 284 -59.05 22.96 -26.71
C VAL A 284 -57.76 23.72 -26.35
N HIS A 285 -57.91 24.89 -25.72
CA HIS A 285 -56.76 25.69 -25.32
C HIS A 285 -56.83 26.10 -23.84
N GLY A 286 -55.66 26.19 -23.21
CA GLY A 286 -55.60 26.56 -21.81
C GLY A 286 -54.17 26.71 -21.30
N GLY A 287 -53.44 27.66 -21.86
CA GLY A 287 -52.07 27.88 -21.42
C GLY A 287 -51.03 27.64 -22.51
N SER A 288 -50.67 28.71 -23.22
CA SER A 288 -49.67 28.61 -24.28
C SER A 288 -48.29 28.46 -23.64
N TRP A 289 -47.70 29.57 -23.22
CA TRP A 289 -46.40 29.55 -22.57
C TRP A 289 -46.56 29.85 -21.09
N ILE A 290 -47.50 29.17 -20.44
CA ILE A 290 -47.76 29.36 -19.02
C ILE A 290 -48.04 28.01 -18.33
N ARG A 291 -48.57 27.05 -19.08
CA ARG A 291 -48.88 25.72 -18.53
C ARG A 291 -48.84 24.61 -19.59
N GLY A 292 -48.67 25.00 -20.85
CA GLY A 292 -48.63 24.03 -21.93
C GLY A 292 -47.39 23.15 -21.95
N ALA A 293 -46.81 22.89 -20.78
CA ALA A 293 -45.61 22.06 -20.66
C ALA A 293 -45.11 22.00 -19.23
N ILE A 294 -46.04 22.01 -18.28
CA ILE A 294 -45.69 21.96 -16.87
C ILE A 294 -45.59 20.53 -16.35
N TYR A 295 -46.58 19.72 -16.71
CA TYR A 295 -46.62 18.32 -16.29
C TYR A 295 -45.44 17.54 -16.83
N TYR A 296 -44.86 18.03 -17.93
CA TYR A 296 -43.72 17.39 -18.57
C TYR A 296 -42.49 17.39 -17.65
N PHE A 297 -42.08 18.58 -17.24
CA PHE A 297 -40.91 18.72 -16.39
C PHE A 297 -41.10 18.24 -14.96
N LYS A 298 -42.31 17.84 -14.59
CA LYS A 298 -42.54 17.35 -13.24
C LYS A 298 -42.18 15.86 -13.17
N ILE A 299 -42.23 15.20 -14.32
CA ILE A 299 -41.90 13.79 -14.40
C ILE A 299 -40.44 13.65 -14.83
N ALA A 300 -40.01 14.53 -15.73
CA ALA A 300 -38.64 14.52 -16.23
C ALA A 300 -37.66 14.51 -15.05
N VAL A 301 -38.04 15.18 -13.96
CA VAL A 301 -37.20 15.24 -12.77
C VAL A 301 -37.38 13.99 -11.94
N ALA A 302 -38.60 13.44 -11.96
CA ALA A 302 -38.90 12.24 -11.21
C ALA A 302 -38.10 11.09 -11.83
N LEU A 303 -37.83 11.21 -13.13
CA LEU A 303 -37.05 10.21 -13.85
C LEU A 303 -35.59 10.24 -13.45
N ALA A 304 -35.04 11.45 -13.37
CA ALA A 304 -33.65 11.64 -12.99
C ALA A 304 -33.41 11.27 -11.53
N VAL A 305 -34.45 11.36 -10.72
CA VAL A 305 -34.34 11.03 -9.29
C VAL A 305 -34.43 9.54 -9.02
N ALA A 306 -35.31 8.86 -9.76
CA ALA A 306 -35.50 7.43 -9.57
C ALA A 306 -34.45 6.60 -10.31
N ALA A 307 -33.76 7.24 -11.26
CA ALA A 307 -32.73 6.56 -12.04
C ALA A 307 -31.38 6.62 -11.36
N ILE A 308 -31.25 7.54 -10.41
CA ILE A 308 -30.00 7.73 -9.70
C ILE A 308 -30.00 7.25 -8.24
N PRO A 309 -28.98 6.48 -7.86
CA PRO A 309 -28.88 5.98 -6.49
C PRO A 309 -28.26 7.02 -5.56
N GLU A 310 -29.03 8.07 -5.28
CA GLU A 310 -28.59 9.17 -4.43
C GLU A 310 -27.87 8.77 -3.13
N GLY A 311 -28.10 7.54 -2.66
CA GLY A 311 -27.45 7.10 -1.44
C GLY A 311 -26.24 6.20 -1.63
N LEU A 312 -25.85 5.95 -2.87
CA LEU A 312 -24.71 5.08 -3.13
C LEU A 312 -23.40 5.64 -2.55
N PRO A 313 -23.10 6.94 -2.79
CA PRO A 313 -21.86 7.50 -2.24
C PRO A 313 -21.73 7.29 -0.73
N ALA A 314 -22.82 7.52 -0.01
CA ALA A 314 -22.81 7.36 1.44
C ALA A 314 -22.54 5.92 1.84
N VAL A 315 -23.27 4.99 1.25
CA VAL A 315 -23.09 3.58 1.58
C VAL A 315 -21.67 3.12 1.24
N ILE A 316 -21.16 3.61 0.11
CA ILE A 316 -19.82 3.26 -0.35
C ILE A 316 -18.74 3.82 0.55
N THR A 317 -18.88 5.10 0.89
CA THR A 317 -17.91 5.76 1.74
C THR A 317 -17.92 5.07 3.09
N THR A 318 -19.12 4.82 3.61
CA THR A 318 -19.28 4.17 4.90
C THR A 318 -18.64 2.79 4.91
N CYS A 319 -18.86 2.04 3.84
CA CYS A 319 -18.30 0.71 3.72
C CYS A 319 -16.77 0.73 3.68
N LEU A 320 -16.24 1.61 2.84
CA LEU A 320 -14.80 1.77 2.67
C LEU A 320 -14.15 2.20 3.99
N ALA A 321 -14.73 3.24 4.59
CA ALA A 321 -14.21 3.77 5.83
C ALA A 321 -14.13 2.69 6.90
N LEU A 322 -15.19 1.91 7.06
CA LEU A 322 -15.19 0.85 8.06
C LEU A 322 -14.08 -0.13 7.72
N GLY A 323 -13.87 -0.33 6.41
CA GLY A 323 -12.83 -1.24 5.95
C GLY A 323 -11.49 -0.71 6.39
N THR A 324 -11.26 0.57 6.15
CA THR A 324 -10.00 1.20 6.54
C THR A 324 -9.78 1.10 8.04
N ARG A 325 -10.86 1.23 8.81
CA ARG A 325 -10.75 1.15 10.26
C ARG A 325 -10.23 -0.24 10.61
N ARG A 326 -10.82 -1.26 10.00
CA ARG A 326 -10.40 -2.65 10.24
C ARG A 326 -8.93 -2.85 9.85
N MET A 327 -8.53 -2.23 8.76
CA MET A 327 -7.16 -2.34 8.29
C MET A 327 -6.23 -1.78 9.34
N ALA A 328 -6.60 -0.62 9.88
CA ALA A 328 -5.81 0.05 10.88
C ALA A 328 -5.56 -0.87 12.06
N LYS A 329 -6.57 -1.62 12.47
CA LYS A 329 -6.43 -2.56 13.58
C LYS A 329 -5.30 -3.54 13.34
N LYS A 330 -4.91 -3.68 12.08
CA LYS A 330 -3.83 -4.57 11.68
C LYS A 330 -2.53 -3.79 11.52
N ASN A 331 -2.60 -2.51 11.86
CA ASN A 331 -1.46 -1.59 11.75
C ASN A 331 -1.21 -1.25 10.29
N ALA A 332 -2.20 -1.55 9.46
CA ALA A 332 -2.15 -1.26 8.05
C ALA A 332 -2.81 0.09 7.83
N ILE A 333 -2.02 1.14 7.68
CA ILE A 333 -2.57 2.48 7.46
C ILE A 333 -2.96 2.66 5.99
N VAL A 334 -4.25 2.77 5.72
CA VAL A 334 -4.72 2.95 4.35
C VAL A 334 -4.90 4.42 4.01
N ARG A 335 -4.07 4.92 3.08
CA ARG A 335 -4.12 6.32 2.66
C ARG A 335 -5.28 6.64 1.72
N SER A 336 -5.53 5.76 0.75
CA SER A 336 -6.61 5.97 -0.21
C SER A 336 -7.73 4.97 -0.01
N LEU A 337 -8.91 5.45 0.39
CA LEU A 337 -10.07 4.57 0.62
C LEU A 337 -10.40 3.64 -0.55
N PRO A 338 -10.25 4.10 -1.79
CA PRO A 338 -10.56 3.24 -2.93
C PRO A 338 -9.74 1.94 -3.00
N SER A 339 -8.43 2.04 -2.77
CA SER A 339 -7.59 0.87 -2.83
C SER A 339 -8.01 -0.21 -1.83
N VAL A 340 -8.86 0.18 -0.87
CA VAL A 340 -9.34 -0.77 0.13
C VAL A 340 -10.00 -1.96 -0.55
N GLU A 341 -10.82 -1.67 -1.55
CA GLU A 341 -11.52 -2.70 -2.30
C GLU A 341 -10.63 -3.24 -3.42
N THR A 342 -9.95 -2.33 -4.12
CA THR A 342 -9.06 -2.70 -5.22
C THR A 342 -8.11 -3.83 -4.82
N LEU A 343 -7.71 -3.86 -3.55
CA LEU A 343 -6.81 -4.88 -3.07
C LEU A 343 -7.34 -6.29 -3.28
N GLY A 344 -8.66 -6.42 -3.34
CA GLY A 344 -9.25 -7.73 -3.55
C GLY A 344 -9.05 -8.33 -4.93
N CYS A 345 -8.81 -7.48 -5.93
CA CYS A 345 -8.62 -7.95 -7.31
C CYS A 345 -7.16 -8.09 -7.65
N THR A 346 -6.30 -7.83 -6.68
CA THR A 346 -4.86 -7.95 -6.90
C THR A 346 -4.57 -9.33 -7.46
N SER A 347 -3.87 -9.39 -8.58
CA SER A 347 -3.53 -10.69 -9.15
C SER A 347 -2.02 -10.92 -9.11
N VAL A 348 -1.27 -9.86 -8.86
CA VAL A 348 0.17 -9.98 -8.77
C VAL A 348 0.70 -9.03 -7.72
N ILE A 349 1.69 -9.48 -6.97
CA ILE A 349 2.31 -8.66 -5.96
C ILE A 349 3.80 -8.56 -6.21
N CYS A 350 4.21 -7.43 -6.78
CA CYS A 350 5.62 -7.19 -7.04
C CYS A 350 6.15 -6.80 -5.70
N SER A 351 7.36 -7.23 -5.37
CA SER A 351 7.88 -6.85 -4.08
C SER A 351 9.37 -6.60 -4.04
N ASP A 352 9.74 -5.46 -3.46
CA ASP A 352 11.15 -5.13 -3.32
C ASP A 352 11.77 -6.11 -2.31
N LYS A 353 13.07 -6.34 -2.40
CA LYS A 353 13.71 -7.24 -1.46
C LYS A 353 14.22 -6.54 -0.20
N THR A 354 15.33 -5.82 -0.32
CA THR A 354 15.95 -5.16 0.80
C THR A 354 15.09 -4.18 1.57
N GLY A 355 14.86 -4.47 2.86
CA GLY A 355 14.06 -3.61 3.70
C GLY A 355 12.57 -3.84 3.59
N THR A 356 12.15 -4.54 2.55
CA THR A 356 10.75 -4.84 2.35
C THR A 356 10.55 -6.33 2.67
N LEU A 357 11.09 -7.19 1.81
CA LEU A 357 11.00 -8.63 1.99
C LEU A 357 11.93 -9.02 3.14
N THR A 358 13.03 -8.28 3.29
CA THR A 358 13.98 -8.55 4.36
C THR A 358 13.93 -7.38 5.35
N THR A 359 14.63 -7.52 6.47
CA THR A 359 14.63 -6.48 7.50
C THR A 359 15.69 -5.44 7.22
N ASN A 360 16.64 -5.82 6.38
CA ASN A 360 17.75 -4.94 6.02
C ASN A 360 18.57 -4.65 7.25
N GLN A 361 18.74 -5.67 8.10
CA GLN A 361 19.54 -5.52 9.32
C GLN A 361 20.40 -6.77 9.53
N MET A 362 21.64 -6.71 9.05
CA MET A 362 22.59 -7.81 9.23
C MET A 362 22.37 -8.57 10.54
N SER A 363 22.12 -9.86 10.42
CA SER A 363 21.86 -10.69 11.58
C SER A 363 22.73 -11.95 11.61
N VAL A 364 23.43 -12.17 12.71
CA VAL A 364 24.21 -13.39 12.81
C VAL A 364 23.21 -14.47 13.23
N CYS A 365 23.09 -15.51 12.44
CA CYS A 365 22.16 -16.58 12.79
C CYS A 365 22.90 -17.90 13.01
N LYS A 366 24.21 -17.90 12.75
CA LYS A 366 24.99 -19.12 12.92
C LYS A 366 26.41 -18.84 13.38
N MET A 367 26.94 -19.72 14.21
CA MET A 367 28.30 -19.56 14.68
C MET A 367 28.82 -20.90 15.18
N PHE A 368 30.14 -21.04 15.20
CA PHE A 368 30.70 -22.28 15.69
C PHE A 368 32.13 -22.14 16.20
N ILE A 369 32.47 -23.00 17.15
CA ILE A 369 33.80 -23.04 17.74
C ILE A 369 34.22 -24.51 17.77
N ILE A 370 35.48 -24.76 18.09
CA ILE A 370 35.97 -26.14 18.16
C ILE A 370 35.42 -26.84 19.40
N ASP A 371 34.91 -28.05 19.20
CA ASP A 371 34.39 -28.84 20.31
C ASP A 371 35.61 -29.63 20.83
N LYS A 372 36.14 -30.51 19.99
CA LYS A 372 37.32 -31.29 20.36
C LYS A 372 38.18 -31.65 19.14
N VAL A 373 39.44 -31.95 19.41
CA VAL A 373 40.41 -32.32 18.39
C VAL A 373 41.13 -33.55 18.90
N ASP A 374 41.22 -34.58 18.08
CA ASP A 374 41.89 -35.81 18.46
C ASP A 374 42.60 -36.42 17.26
N GLY A 375 43.76 -35.87 16.94
CA GLY A 375 44.48 -36.37 15.78
C GLY A 375 43.81 -35.89 14.51
N ASP A 376 43.34 -36.85 13.70
CA ASP A 376 42.66 -36.55 12.45
C ASP A 376 41.19 -36.22 12.71
N PHE A 377 40.79 -36.32 13.98
CA PHE A 377 39.42 -36.05 14.34
C PHE A 377 39.21 -34.62 14.82
N CYS A 378 38.15 -34.00 14.31
CA CYS A 378 37.79 -32.65 14.70
C CYS A 378 36.29 -32.47 14.67
N SER A 379 35.73 -32.08 15.80
CA SER A 379 34.30 -31.84 15.92
C SER A 379 34.11 -30.36 16.23
N LEU A 380 32.97 -29.80 15.82
CA LEU A 380 32.71 -28.39 16.09
C LEU A 380 31.42 -28.18 16.86
N ASN A 381 31.41 -27.20 17.76
CA ASN A 381 30.19 -26.86 18.46
C ASN A 381 29.47 -25.81 17.58
N GLU A 382 28.42 -26.22 16.88
CA GLU A 382 27.67 -25.30 16.05
C GLU A 382 26.43 -24.80 16.79
N PHE A 383 26.13 -23.52 16.62
CA PHE A 383 24.95 -22.93 17.26
C PHE A 383 24.22 -22.06 16.26
N SER A 384 22.96 -21.80 16.54
CA SER A 384 22.17 -20.95 15.67
C SER A 384 21.65 -19.85 16.57
N ILE A 385 21.28 -18.72 15.99
CA ILE A 385 20.78 -17.60 16.78
C ILE A 385 19.48 -17.13 16.20
N THR A 386 18.52 -16.83 17.05
CA THR A 386 17.21 -16.34 16.60
C THR A 386 17.16 -14.81 16.58
N GLY A 387 16.20 -14.27 15.85
CA GLY A 387 16.07 -12.82 15.79
C GLY A 387 16.60 -12.34 14.47
N SER A 388 15.85 -11.48 13.80
CA SER A 388 16.25 -10.96 12.51
C SER A 388 16.46 -9.45 12.42
N THR A 389 16.64 -8.79 13.56
CA THR A 389 16.87 -7.36 13.56
C THR A 389 18.04 -7.04 14.48
N TYR A 390 18.25 -5.76 14.73
CA TYR A 390 19.33 -5.30 15.59
C TYR A 390 18.90 -5.31 17.04
N ALA A 391 17.65 -5.67 17.29
CA ALA A 391 17.19 -5.69 18.67
C ALA A 391 17.91 -6.82 19.40
N PRO A 392 18.41 -6.58 20.62
CA PRO A 392 19.13 -7.57 21.43
C PRO A 392 18.13 -8.63 21.91
N GLU A 393 17.21 -8.98 21.03
CA GLU A 393 16.17 -9.92 21.35
C GLU A 393 16.30 -11.18 20.52
N GLY A 394 16.46 -12.30 21.22
CA GLY A 394 16.63 -13.58 20.57
C GLY A 394 17.46 -14.47 21.47
N GLU A 395 17.60 -15.74 21.09
CA GLU A 395 18.36 -16.68 21.90
C GLU A 395 19.33 -17.54 21.11
N VAL A 396 20.33 -18.05 21.79
CA VAL A 396 21.35 -18.91 21.18
C VAL A 396 20.92 -20.35 21.40
N LEU A 397 20.85 -21.11 20.32
CA LEU A 397 20.42 -22.50 20.44
C LEU A 397 21.49 -23.48 19.99
N LYS A 398 21.41 -24.69 20.53
CA LYS A 398 22.31 -25.74 20.11
C LYS A 398 21.34 -26.88 19.93
N ASN A 399 21.31 -27.44 18.73
CA ASN A 399 20.41 -28.52 18.41
C ASN A 399 18.98 -28.10 18.69
N ASP A 400 18.65 -26.88 18.25
CA ASP A 400 17.32 -26.31 18.40
C ASP A 400 16.88 -26.06 19.82
N LYS A 401 17.82 -26.13 20.75
CA LYS A 401 17.48 -25.87 22.14
C LYS A 401 18.36 -24.81 22.77
N PRO A 402 17.74 -23.92 23.54
CA PRO A 402 18.39 -22.82 24.25
C PRO A 402 19.51 -23.25 25.19
N ILE A 403 20.57 -22.45 25.23
CA ILE A 403 21.68 -22.75 26.13
C ILE A 403 22.24 -21.42 26.58
N ARG A 404 23.09 -21.46 27.60
CA ARG A 404 23.74 -20.27 28.13
C ARG A 404 25.13 -20.24 27.48
N SER A 405 25.33 -19.29 26.56
CA SER A 405 26.62 -19.15 25.87
C SER A 405 27.82 -19.17 26.82
N GLY A 406 27.66 -18.53 27.98
CA GLY A 406 28.72 -18.45 28.97
C GLY A 406 29.27 -19.78 29.47
N GLN A 407 28.49 -20.84 29.31
CA GLN A 407 28.95 -22.15 29.76
C GLN A 407 29.88 -22.77 28.73
N PHE A 408 30.21 -21.99 27.71
CA PHE A 408 31.12 -22.42 26.66
C PHE A 408 32.26 -21.42 26.63
N ASP A 409 33.46 -21.89 26.96
CA ASP A 409 34.63 -21.03 26.99
C ASP A 409 35.00 -20.43 25.65
N GLY A 410 34.76 -21.20 24.58
CA GLY A 410 35.07 -20.71 23.26
C GLY A 410 34.16 -19.54 22.93
N LEU A 411 32.90 -19.64 23.33
CA LEU A 411 31.93 -18.59 23.05
C LEU A 411 32.26 -17.33 23.81
N VAL A 412 32.74 -17.49 25.03
CA VAL A 412 33.09 -16.32 25.79
C VAL A 412 34.12 -15.52 24.99
N GLU A 413 35.04 -16.23 24.33
CA GLU A 413 36.07 -15.56 23.56
C GLU A 413 35.47 -15.01 22.26
N LEU A 414 34.65 -15.80 21.59
CA LEU A 414 34.03 -15.35 20.36
C LEU A 414 33.37 -13.99 20.62
N ALA A 415 32.53 -13.96 21.64
CA ALA A 415 31.83 -12.74 22.01
C ALA A 415 32.81 -11.61 22.25
N THR A 416 33.95 -11.93 22.87
CA THR A 416 34.95 -10.91 23.20
C THR A 416 35.61 -10.32 21.98
N ILE A 417 35.77 -11.13 20.94
CA ILE A 417 36.37 -10.62 19.75
C ILE A 417 35.32 -9.75 19.04
N CYS A 418 34.07 -10.21 19.07
CA CYS A 418 32.97 -9.46 18.45
C CYS A 418 32.77 -8.09 19.08
N ALA A 419 32.90 -8.03 20.39
CA ALA A 419 32.70 -6.77 21.11
C ALA A 419 33.87 -5.80 20.98
N LEU A 420 35.10 -6.34 20.91
CA LEU A 420 36.31 -5.52 20.83
C LEU A 420 36.88 -5.21 19.44
N CYS A 421 36.93 -6.19 18.55
CA CYS A 421 37.44 -5.96 17.21
C CYS A 421 36.20 -5.42 16.52
N ASN A 422 35.86 -4.18 16.81
CA ASN A 422 34.62 -3.62 16.28
C ASN A 422 34.65 -2.10 16.45
N ASP A 423 34.33 -1.38 15.38
CA ASP A 423 34.31 0.09 15.43
C ASP A 423 32.89 0.67 15.53
N SER A 424 31.90 -0.19 15.38
CA SER A 424 30.50 0.23 15.42
C SER A 424 29.84 -0.16 16.73
N SER A 425 28.56 0.16 16.83
CA SER A 425 27.77 -0.17 18.01
C SER A 425 26.29 -0.18 17.67
N LEU A 426 25.46 -0.29 18.70
CA LEU A 426 24.03 -0.31 18.50
C LEU A 426 23.39 0.78 19.33
N ASP A 427 22.24 1.28 18.90
CA ASP A 427 21.55 2.31 19.66
C ASP A 427 20.04 2.22 19.61
N PHE A 428 19.39 2.81 20.59
CA PHE A 428 17.95 2.81 20.60
C PHE A 428 17.43 4.20 20.26
N ASN A 429 16.90 4.36 19.05
CA ASN A 429 16.36 5.65 18.67
C ASN A 429 15.04 5.85 19.46
N GLU A 430 15.12 6.55 20.58
CA GLU A 430 13.94 6.80 21.42
C GLU A 430 12.82 7.51 20.67
N THR A 431 13.17 8.17 19.57
CA THR A 431 12.20 8.88 18.74
C THR A 431 11.42 7.87 17.91
N LYS A 432 12.10 7.24 16.94
CA LYS A 432 11.47 6.25 16.08
C LYS A 432 11.09 5.00 16.89
N GLY A 433 11.57 4.94 18.13
CA GLY A 433 11.29 3.80 19.00
C GLY A 433 11.84 2.48 18.46
N VAL A 434 13.05 2.51 17.93
CA VAL A 434 13.65 1.32 17.38
C VAL A 434 15.17 1.31 17.53
N TYR A 435 15.73 0.11 17.56
CA TYR A 435 17.16 -0.05 17.67
C TYR A 435 17.76 0.20 16.30
N GLU A 436 18.81 1.03 16.27
CA GLU A 436 19.50 1.39 15.03
C GLU A 436 20.98 1.01 15.11
N LYS A 437 21.57 0.80 13.95
CA LYS A 437 23.00 0.50 13.91
C LYS A 437 23.73 1.85 14.01
N VAL A 438 24.99 1.79 14.42
CA VAL A 438 25.85 2.96 14.54
C VAL A 438 27.15 2.50 13.91
N GLY A 439 27.41 2.92 12.68
CA GLY A 439 28.59 2.49 12.01
C GLY A 439 28.22 1.46 10.95
N GLU A 440 29.02 0.40 10.84
CA GLU A 440 28.82 -0.69 9.85
C GLU A 440 27.76 -1.73 10.25
N ALA A 441 26.93 -2.14 9.29
CA ALA A 441 25.88 -3.13 9.53
C ALA A 441 26.52 -4.44 10.01
N THR A 442 27.56 -4.84 9.27
CA THR A 442 28.33 -6.05 9.54
C THR A 442 28.84 -6.05 10.97
N GLU A 443 29.41 -4.95 11.42
CA GLU A 443 29.92 -4.90 12.78
C GLU A 443 28.79 -4.85 13.82
N THR A 444 27.71 -4.15 13.51
CA THR A 444 26.57 -4.03 14.43
C THR A 444 25.94 -5.40 14.67
N ALA A 445 25.89 -6.22 13.63
CA ALA A 445 25.33 -7.57 13.73
C ALA A 445 26.08 -8.23 14.87
N LEU A 446 27.41 -8.09 14.85
CA LEU A 446 28.27 -8.63 15.91
C LEU A 446 27.90 -8.04 17.28
N THR A 447 27.60 -6.75 17.30
CA THR A 447 27.22 -6.08 18.53
C THR A 447 25.94 -6.69 19.11
N THR A 448 24.90 -6.87 18.28
CA THR A 448 23.67 -7.41 18.83
C THR A 448 23.83 -8.89 19.16
N LEU A 449 24.76 -9.56 18.47
CA LEU A 449 25.05 -10.97 18.75
C LEU A 449 25.53 -11.06 20.19
N VAL A 450 26.51 -10.22 20.52
CA VAL A 450 27.05 -10.18 21.87
C VAL A 450 25.96 -9.94 22.91
N GLU A 451 25.02 -9.04 22.61
CA GLU A 451 23.93 -8.72 23.55
C GLU A 451 23.02 -9.92 23.75
N LYS A 452 22.86 -10.72 22.71
CA LYS A 452 22.02 -11.89 22.81
C LYS A 452 22.70 -12.97 23.64
N MET A 453 23.97 -13.21 23.33
CA MET A 453 24.77 -14.22 24.01
C MET A 453 24.90 -13.94 25.49
N ASN A 454 25.15 -12.68 25.84
CA ASN A 454 25.26 -12.30 27.24
C ASN A 454 26.10 -13.32 28.01
N VAL A 455 27.32 -13.56 27.55
CA VAL A 455 28.17 -14.56 28.15
C VAL A 455 28.42 -14.46 29.65
N PHE A 456 28.34 -13.26 30.22
CA PHE A 456 28.58 -13.09 31.66
C PHE A 456 27.28 -13.02 32.45
N ASN A 457 26.20 -13.50 31.86
CA ASN A 457 24.90 -13.50 32.51
C ASN A 457 24.61 -12.14 33.17
N THR A 458 25.03 -11.07 32.51
CA THR A 458 24.78 -9.72 33.01
C THR A 458 23.27 -9.55 33.19
N GLU A 459 22.85 -8.80 34.20
CA GLU A 459 21.42 -8.58 34.44
C GLU A 459 20.91 -7.52 33.46
N VAL A 460 19.89 -7.85 32.68
CA VAL A 460 19.38 -6.91 31.71
C VAL A 460 17.86 -6.79 31.69
N ARG A 461 17.19 -7.59 32.51
CA ARG A 461 15.74 -7.56 32.53
C ARG A 461 15.21 -6.25 33.10
N ASN A 462 15.93 -5.70 34.08
CA ASN A 462 15.52 -4.45 34.72
C ASN A 462 15.96 -3.21 33.96
N LEU A 463 16.35 -3.37 32.70
CA LEU A 463 16.83 -2.23 31.92
C LEU A 463 15.86 -1.61 30.92
N SER A 464 16.19 -0.39 30.53
CA SER A 464 15.42 0.35 29.56
C SER A 464 15.98 -0.02 28.19
N LYS A 465 15.20 0.22 27.14
CA LYS A 465 15.62 -0.09 25.78
C LYS A 465 16.99 0.52 25.47
N VAL A 466 17.19 1.75 25.95
CA VAL A 466 18.43 2.47 25.73
C VAL A 466 19.63 1.80 26.38
N GLU A 467 19.49 1.40 27.63
CA GLU A 467 20.57 0.77 28.36
C GLU A 467 20.82 -0.66 27.88
N ARG A 468 19.74 -1.35 27.53
CA ARG A 468 19.78 -2.72 27.06
C ARG A 468 20.65 -2.87 25.80
N ALA A 469 20.76 -1.80 25.03
CA ALA A 469 21.53 -1.84 23.79
C ALA A 469 23.04 -2.13 23.91
N ASN A 470 23.65 -1.84 25.06
CA ASN A 470 25.09 -2.10 25.20
C ASN A 470 25.50 -2.75 26.52
N ALA A 471 24.53 -3.25 27.27
CA ALA A 471 24.85 -3.87 28.56
C ALA A 471 25.99 -4.90 28.50
N CYS A 472 25.82 -5.94 27.70
CA CYS A 472 26.85 -6.97 27.62
C CYS A 472 28.15 -6.49 26.97
N ASN A 473 28.02 -5.80 25.85
CA ASN A 473 29.20 -5.30 25.15
C ASN A 473 29.98 -4.43 26.12
N SER A 474 29.26 -3.59 26.83
CA SER A 474 29.86 -2.71 27.81
C SER A 474 30.65 -3.48 28.85
N VAL A 475 30.08 -4.59 29.33
CA VAL A 475 30.76 -5.40 30.33
C VAL A 475 32.08 -5.92 29.81
N ILE A 476 32.11 -6.29 28.54
CA ILE A 476 33.32 -6.80 27.92
C ILE A 476 34.35 -5.70 27.62
N ARG A 477 33.87 -4.50 27.34
CA ARG A 477 34.78 -3.40 27.03
C ARG A 477 35.59 -2.96 28.23
N GLN A 478 35.17 -3.39 29.41
CA GLN A 478 35.86 -3.04 30.66
C GLN A 478 36.93 -4.06 31.01
N LEU A 479 36.89 -5.23 30.39
CA LEU A 479 37.88 -6.26 30.65
C LEU A 479 39.19 -5.94 29.98
N MET A 480 39.12 -5.39 28.77
CA MET A 480 40.33 -5.07 28.05
C MET A 480 40.33 -3.61 27.62
N LYS A 481 41.52 -3.06 27.47
CA LYS A 481 41.68 -1.69 27.05
C LYS A 481 42.14 -1.76 25.59
N LYS A 482 41.46 -1.05 24.70
CA LYS A 482 41.85 -1.06 23.30
C LYS A 482 42.93 -0.01 23.09
N GLU A 483 44.14 -0.47 22.76
CA GLU A 483 45.28 0.41 22.55
C GLU A 483 45.22 1.05 21.18
N PHE A 484 45.07 0.23 20.15
CA PHE A 484 44.96 0.73 18.79
C PHE A 484 44.35 -0.36 17.95
N THR A 485 43.93 0.00 16.75
CA THR A 485 43.30 -0.96 15.89
C THR A 485 43.89 -0.85 14.49
N LEU A 486 44.05 -2.00 13.83
CA LEU A 486 44.59 -2.03 12.48
C LEU A 486 43.36 -2.16 11.57
N GLU A 487 42.86 -1.02 11.10
CA GLU A 487 41.68 -0.98 10.24
C GLU A 487 41.81 -1.90 9.04
N PHE A 488 40.67 -2.37 8.56
CA PHE A 488 40.56 -3.23 7.41
C PHE A 488 41.20 -2.67 6.11
N SER A 489 41.71 -3.58 5.27
CA SER A 489 42.33 -3.24 3.99
C SER A 489 42.01 -4.35 3.00
N ARG A 490 41.72 -3.97 1.76
CA ARG A 490 41.35 -4.89 0.68
C ARG A 490 42.25 -6.10 0.47
N ASP A 491 43.56 -5.88 0.49
CA ASP A 491 44.53 -6.96 0.25
C ASP A 491 44.46 -8.10 1.27
N ARG A 492 44.51 -7.71 2.54
CA ARG A 492 44.47 -8.62 3.67
C ARG A 492 43.07 -9.19 3.88
N LYS A 493 42.05 -8.33 3.75
CA LYS A 493 40.65 -8.69 3.92
C LYS A 493 40.33 -9.17 5.34
N SER A 494 40.92 -8.48 6.31
CA SER A 494 40.71 -8.79 7.70
C SER A 494 40.96 -7.49 8.49
N MET A 495 40.68 -7.53 9.78
CA MET A 495 40.86 -6.36 10.63
C MET A 495 41.22 -6.85 12.03
N SER A 496 41.90 -6.03 12.81
CA SER A 496 42.24 -6.44 14.16
C SER A 496 42.46 -5.29 15.13
N VAL A 497 42.37 -5.59 16.43
CA VAL A 497 42.58 -4.59 17.44
C VAL A 497 43.60 -5.13 18.41
N TYR A 498 44.38 -4.23 18.98
CA TYR A 498 45.42 -4.59 19.91
C TYR A 498 44.95 -4.16 21.29
N CYS A 499 44.86 -5.10 22.21
CA CYS A 499 44.39 -4.76 23.55
C CYS A 499 45.33 -5.17 24.67
N SER A 500 45.15 -4.52 25.81
CA SER A 500 45.97 -4.79 26.98
C SER A 500 44.98 -5.06 28.10
N PRO A 501 45.40 -5.81 29.13
CA PRO A 501 44.49 -6.09 30.25
C PRO A 501 44.14 -4.81 31.01
N ALA A 502 42.87 -4.69 31.42
CA ALA A 502 42.42 -3.51 32.13
C ALA A 502 42.16 -3.77 33.61
N LYS A 503 41.18 -4.61 33.90
CA LYS A 503 40.85 -4.95 35.29
C LYS A 503 42.03 -5.63 35.97
N SER A 504 41.99 -5.65 37.30
CA SER A 504 43.04 -6.29 38.07
C SER A 504 42.66 -7.73 38.35
N SER A 505 41.77 -8.27 37.52
CA SER A 505 41.30 -9.65 37.65
C SER A 505 42.09 -10.60 36.74
N ARG A 506 42.51 -10.08 35.59
CA ARG A 506 43.28 -10.86 34.62
C ARG A 506 44.43 -10.05 34.03
N ALA A 507 45.12 -9.29 34.88
CA ALA A 507 46.24 -8.46 34.45
C ALA A 507 47.48 -9.30 34.10
N ALA A 508 47.39 -10.61 34.29
CA ALA A 508 48.49 -11.52 33.99
C ALA A 508 48.32 -12.21 32.64
N VAL A 509 47.27 -11.83 31.91
CA VAL A 509 47.00 -12.42 30.61
C VAL A 509 47.86 -11.79 29.52
N GLY A 510 48.37 -10.60 29.80
CA GLY A 510 49.21 -9.92 28.81
C GLY A 510 48.45 -9.42 27.59
N ASN A 511 49.13 -8.63 26.78
CA ASN A 511 48.53 -8.08 25.57
C ASN A 511 48.03 -9.13 24.57
N LYS A 512 46.86 -8.86 24.01
CA LYS A 512 46.25 -9.76 23.03
C LYS A 512 45.86 -9.00 21.76
N MET A 513 45.67 -9.73 20.68
CA MET A 513 45.24 -9.12 19.41
C MET A 513 44.00 -9.88 18.94
N PHE A 514 42.89 -9.16 18.74
CA PHE A 514 41.67 -9.81 18.28
C PHE A 514 41.45 -9.48 16.81
N VAL A 515 41.31 -10.53 16.01
CA VAL A 515 41.18 -10.43 14.58
C VAL A 515 39.88 -10.98 14.02
N LYS A 516 39.44 -10.42 12.89
CA LYS A 516 38.24 -10.91 12.24
C LYS A 516 38.43 -10.65 10.76
N GLY A 517 37.85 -11.50 9.92
CA GLY A 517 37.98 -11.27 8.50
C GLY A 517 37.42 -12.38 7.65
N ALA A 518 37.56 -12.25 6.34
CA ALA A 518 37.10 -13.29 5.44
C ALA A 518 37.86 -14.56 5.86
N PRO A 519 37.14 -15.69 6.00
CA PRO A 519 37.61 -17.01 6.39
C PRO A 519 38.97 -17.52 5.90
N GLU A 520 39.12 -17.64 4.59
CA GLU A 520 40.36 -18.14 4.02
C GLU A 520 41.61 -17.49 4.61
N GLY A 521 41.83 -16.23 4.25
CA GLY A 521 43.00 -15.51 4.73
C GLY A 521 43.25 -15.66 6.21
N VAL A 522 42.24 -15.39 7.03
CA VAL A 522 42.42 -15.48 8.48
C VAL A 522 42.87 -16.87 8.89
N ILE A 523 42.20 -17.90 8.38
CA ILE A 523 42.56 -19.26 8.73
C ILE A 523 43.98 -19.61 8.27
N ASP A 524 44.33 -19.24 7.05
CA ASP A 524 45.66 -19.54 6.53
C ASP A 524 46.74 -18.88 7.38
N ARG A 525 46.34 -17.91 8.22
CA ARG A 525 47.32 -17.24 9.06
C ARG A 525 47.20 -17.73 10.49
N CYS A 526 46.48 -18.83 10.68
CA CYS A 526 46.32 -19.41 12.02
C CYS A 526 47.23 -20.63 12.17
N ASN A 527 48.09 -20.60 13.18
CA ASN A 527 48.98 -21.74 13.47
C ASN A 527 48.39 -22.57 14.59
N TYR A 528 47.48 -21.97 15.34
CA TYR A 528 46.83 -22.64 16.45
C TYR A 528 45.33 -22.56 16.28
N VAL A 529 44.66 -23.37 17.09
CA VAL A 529 43.22 -23.47 17.12
C VAL A 529 42.84 -23.55 18.58
N ARG A 530 41.85 -22.77 19.00
CA ARG A 530 41.46 -22.79 20.39
C ARG A 530 40.40 -23.86 20.63
N VAL A 531 40.58 -24.60 21.72
CA VAL A 531 39.64 -25.66 22.11
C VAL A 531 39.26 -25.31 23.53
N GLY A 532 38.11 -24.68 23.70
CA GLY A 532 37.69 -24.27 25.01
C GLY A 532 38.56 -23.13 25.49
N THR A 533 39.55 -23.47 26.32
CA THR A 533 40.45 -22.47 26.90
C THR A 533 41.90 -22.77 26.57
N THR A 534 42.15 -23.97 26.07
CA THR A 534 43.51 -24.33 25.73
C THR A 534 43.71 -24.24 24.23
N ARG A 535 44.89 -24.62 23.76
CA ARG A 535 45.19 -24.50 22.34
C ARG A 535 46.01 -25.64 21.72
N VAL A 536 45.58 -26.12 20.57
CA VAL A 536 46.29 -27.17 19.87
C VAL A 536 46.70 -26.61 18.52
N PRO A 537 47.81 -27.12 17.96
CA PRO A 537 48.27 -26.61 16.66
C PRO A 537 47.27 -26.82 15.53
N MET A 538 47.36 -25.97 14.50
CA MET A 538 46.46 -26.08 13.34
C MET A 538 46.98 -27.17 12.41
N THR A 539 46.18 -28.19 12.20
CA THR A 539 46.57 -29.29 11.32
C THR A 539 45.62 -29.39 10.14
N GLY A 540 46.01 -30.15 9.13
CA GLY A 540 45.17 -30.30 7.95
C GLY A 540 43.77 -30.76 8.26
N PRO A 541 43.62 -31.88 9.00
CA PRO A 541 42.30 -32.43 9.36
C PRO A 541 41.41 -31.36 10.01
N VAL A 542 42.03 -30.59 10.90
CA VAL A 542 41.34 -29.52 11.61
C VAL A 542 40.93 -28.41 10.64
N LYS A 543 41.87 -27.96 9.83
CA LYS A 543 41.62 -26.91 8.87
C LYS A 543 40.54 -27.32 7.87
N GLU A 544 40.64 -28.55 7.37
CA GLU A 544 39.68 -29.07 6.41
C GLU A 544 38.26 -29.08 6.98
N LYS A 545 38.14 -29.46 8.24
CA LYS A 545 36.83 -29.50 8.88
C LYS A 545 36.23 -28.10 9.03
N ILE A 546 37.09 -27.16 9.38
CA ILE A 546 36.66 -25.78 9.55
C ILE A 546 36.20 -25.20 8.22
N LEU A 547 37.07 -25.27 7.22
CA LEU A 547 36.76 -24.75 5.90
C LEU A 547 35.54 -25.38 5.25
N SER A 548 35.39 -26.69 5.43
CA SER A 548 34.26 -27.40 4.85
C SER A 548 32.94 -26.86 5.39
N VAL A 549 32.89 -26.57 6.68
CA VAL A 549 31.67 -26.03 7.24
C VAL A 549 31.55 -24.60 6.78
N ILE A 550 32.68 -23.91 6.61
CA ILE A 550 32.68 -22.54 6.14
C ILE A 550 32.01 -22.57 4.77
N LYS A 551 32.48 -23.49 3.93
CA LYS A 551 31.94 -23.64 2.57
C LYS A 551 30.43 -23.90 2.56
N GLU A 552 29.94 -24.70 3.50
CA GLU A 552 28.51 -25.02 3.58
C GLU A 552 27.65 -23.78 3.81
N TRP A 553 28.13 -22.92 4.70
CA TRP A 553 27.41 -21.71 5.05
C TRP A 553 27.50 -20.65 3.96
N GLY A 554 28.66 -20.55 3.33
CA GLY A 554 28.82 -19.55 2.28
C GLY A 554 28.09 -19.90 0.99
N THR A 555 27.34 -21.00 0.98
CA THR A 555 26.64 -21.40 -0.25
C THR A 555 25.44 -22.28 0.09
N GLY A 556 24.89 -22.92 -0.94
CA GLY A 556 23.75 -23.79 -0.73
C GLY A 556 22.61 -23.12 0.02
N ARG A 557 21.90 -23.90 0.81
CA ARG A 557 20.76 -23.41 1.57
C ARG A 557 21.07 -22.26 2.52
N ASP A 558 22.36 -22.02 2.79
CA ASP A 558 22.76 -20.96 3.68
C ASP A 558 23.14 -19.64 3.01
N THR A 559 24.11 -19.69 2.11
CA THR A 559 24.60 -18.49 1.43
C THR A 559 24.67 -17.33 2.42
N LEU A 560 25.42 -17.56 3.50
CA LEU A 560 25.59 -16.56 4.54
C LEU A 560 26.92 -15.87 4.34
N ARG A 561 27.08 -14.73 4.99
CA ARG A 561 28.34 -14.00 4.95
C ARG A 561 29.07 -14.50 6.21
N CYS A 562 30.27 -15.06 6.02
CA CYS A 562 31.06 -15.60 7.12
C CYS A 562 32.34 -14.83 7.42
N LEU A 563 32.63 -14.72 8.70
CA LEU A 563 33.81 -14.02 9.17
C LEU A 563 34.43 -15.00 10.14
N ALA A 564 35.74 -15.08 10.13
CA ALA A 564 36.40 -15.97 11.06
C ALA A 564 36.87 -15.06 12.19
N LEU A 565 36.88 -15.60 13.39
CA LEU A 565 37.33 -14.83 14.54
C LEU A 565 38.57 -15.50 15.11
N ALA A 566 39.64 -14.74 15.26
CA ALA A 566 40.89 -15.29 15.78
C ALA A 566 41.54 -14.29 16.69
N THR A 567 42.51 -14.77 17.46
CA THR A 567 43.25 -13.90 18.36
C THR A 567 44.70 -14.30 18.37
N ARG A 568 45.59 -13.31 18.48
CA ARG A 568 47.01 -13.57 18.52
C ARG A 568 47.39 -13.58 20.00
N ASP A 569 47.69 -14.76 20.52
CA ASP A 569 48.02 -14.91 21.93
C ASP A 569 49.23 -14.11 22.39
N THR A 570 50.29 -14.13 21.58
CA THR A 570 51.52 -13.42 21.90
C THR A 570 51.78 -12.39 20.82
N PRO A 571 51.10 -11.23 20.89
CA PRO A 571 51.31 -10.21 19.87
C PRO A 571 52.64 -9.49 20.00
N PRO A 572 53.12 -8.88 18.90
CA PRO A 572 54.40 -8.15 18.92
C PRO A 572 54.26 -6.98 19.88
N LYS A 573 55.38 -6.40 20.27
CA LYS A 573 55.34 -5.24 21.17
C LYS A 573 54.98 -4.06 20.30
N ARG A 574 54.28 -3.09 20.88
CA ARG A 574 53.85 -1.91 20.14
C ARG A 574 55.04 -1.26 19.44
N GLU A 575 56.18 -1.26 20.11
CA GLU A 575 57.40 -0.65 19.58
C GLU A 575 57.81 -1.27 18.26
N GLU A 576 57.98 -2.59 18.25
CA GLU A 576 58.38 -3.31 17.05
C GLU A 576 57.32 -3.37 15.96
N MET A 577 56.35 -2.47 16.03
CA MET A 577 55.29 -2.43 15.02
C MET A 577 55.22 -1.04 14.40
N VAL A 578 54.85 -0.98 13.13
CA VAL A 578 54.70 0.28 12.40
C VAL A 578 53.22 0.34 12.04
N LEU A 579 52.53 1.39 12.47
CA LEU A 579 51.10 1.51 12.24
C LEU A 579 50.57 2.53 11.22
N ASP A 580 51.43 3.12 10.40
CA ASP A 580 50.94 4.11 9.46
C ASP A 580 50.72 3.55 8.05
N ASP A 581 50.87 2.24 7.90
CA ASP A 581 50.67 1.62 6.59
C ASP A 581 50.05 0.24 6.69
N SER A 582 48.83 0.12 6.19
CA SER A 582 48.11 -1.14 6.24
C SER A 582 48.80 -2.29 5.50
N SER A 583 49.82 -1.99 4.70
CA SER A 583 50.52 -3.03 3.97
C SER A 583 51.35 -3.91 4.91
N ARG A 584 51.56 -3.45 6.14
CA ARG A 584 52.33 -4.22 7.11
C ARG A 584 51.42 -4.98 8.07
N PHE A 585 50.16 -4.57 8.15
CA PHE A 585 49.20 -5.19 9.04
C PHE A 585 49.05 -6.70 8.94
N MET A 586 48.89 -7.21 7.73
CA MET A 586 48.72 -8.65 7.55
C MET A 586 49.78 -9.44 8.31
N GLU A 587 51.04 -9.06 8.14
CA GLU A 587 52.12 -9.78 8.81
C GLU A 587 52.01 -9.75 10.33
N TYR A 588 51.39 -8.71 10.88
CA TYR A 588 51.23 -8.64 12.34
C TYR A 588 50.06 -9.51 12.78
N GLU A 589 49.16 -9.79 11.83
CA GLU A 589 48.01 -10.61 12.11
C GLU A 589 48.30 -12.02 11.63
N THR A 590 49.43 -12.56 12.08
CA THR A 590 49.87 -13.90 11.70
C THR A 590 50.15 -14.75 12.96
N ASP A 591 50.35 -16.05 12.79
CA ASP A 591 50.62 -16.93 13.93
C ASP A 591 49.47 -16.80 14.90
N LEU A 592 48.27 -16.70 14.33
CA LEU A 592 47.05 -16.55 15.12
C LEU A 592 46.46 -17.88 15.56
N THR A 593 45.62 -17.80 16.57
CA THR A 593 44.92 -18.96 17.10
C THR A 593 43.48 -18.79 16.63
N PHE A 594 43.00 -19.73 15.83
CA PHE A 594 41.63 -19.66 15.35
C PHE A 594 40.66 -19.88 16.54
N VAL A 595 39.58 -19.10 16.61
CA VAL A 595 38.63 -19.26 17.70
C VAL A 595 37.25 -19.69 17.21
N GLY A 596 36.77 -19.08 16.14
CA GLY A 596 35.46 -19.43 15.62
C GLY A 596 35.03 -18.73 14.35
N VAL A 597 33.78 -18.95 13.98
CA VAL A 597 33.22 -18.37 12.79
C VAL A 597 31.77 -17.93 13.03
N VAL A 598 31.36 -16.86 12.38
CA VAL A 598 29.98 -16.41 12.50
C VAL A 598 29.41 -16.29 11.10
N GLY A 599 28.13 -16.65 10.97
CA GLY A 599 27.44 -16.59 9.70
C GLY A 599 26.32 -15.57 9.87
N MET A 600 26.25 -14.64 8.92
CA MET A 600 25.25 -13.59 9.00
C MET A 600 24.64 -13.32 7.63
N LEU A 601 23.53 -12.58 7.62
CA LEU A 601 22.88 -12.24 6.36
C LEU A 601 21.77 -11.23 6.54
N ASP A 602 21.30 -10.64 5.45
CA ASP A 602 20.16 -9.72 5.52
C ASP A 602 18.92 -10.64 5.46
N PRO A 603 18.38 -11.03 6.62
CA PRO A 603 17.24 -11.91 6.85
C PRO A 603 15.85 -11.52 6.35
N PRO A 604 15.11 -12.52 5.83
CA PRO A 604 13.76 -12.26 5.34
C PRO A 604 12.90 -12.03 6.57
N ARG A 605 11.83 -11.25 6.46
CA ARG A 605 10.97 -11.02 7.60
C ARG A 605 10.20 -12.31 7.87
N LYS A 606 10.15 -12.73 9.13
CA LYS A 606 9.47 -13.98 9.54
C LYS A 606 8.16 -14.37 8.83
N GLU A 607 7.25 -13.42 8.70
CA GLU A 607 5.96 -13.71 8.09
C GLU A 607 5.88 -13.85 6.57
N VAL A 608 7.00 -13.64 5.88
CA VAL A 608 6.98 -13.70 4.42
C VAL A 608 6.70 -15.06 3.80
N MET A 609 7.41 -16.11 4.22
CA MET A 609 7.17 -17.41 3.62
C MET A 609 5.71 -17.83 3.68
N GLY A 610 5.09 -17.77 4.86
CA GLY A 610 3.70 -18.16 4.97
C GLY A 610 2.81 -17.26 4.12
N SER A 611 3.19 -15.99 4.03
CA SER A 611 2.45 -15.00 3.26
C SER A 611 2.40 -15.38 1.79
N ILE A 612 3.54 -15.76 1.25
CA ILE A 612 3.63 -16.14 -0.15
C ILE A 612 2.83 -17.41 -0.42
N GLN A 613 2.79 -18.33 0.53
CA GLN A 613 2.06 -19.57 0.36
C GLN A 613 0.58 -19.30 0.32
N LEU A 614 0.13 -18.33 1.12
CA LEU A 614 -1.28 -17.97 1.11
C LEU A 614 -1.64 -17.35 -0.24
N CYS A 615 -0.76 -16.50 -0.77
CA CYS A 615 -1.04 -15.87 -2.06
C CYS A 615 -1.20 -16.89 -3.18
N ARG A 616 -0.30 -17.88 -3.22
CA ARG A 616 -0.37 -18.93 -4.23
C ARG A 616 -1.74 -19.60 -4.24
N ASP A 617 -2.32 -19.79 -3.05
CA ASP A 617 -3.62 -20.44 -2.93
C ASP A 617 -4.74 -19.51 -3.38
N ALA A 618 -4.46 -18.22 -3.38
CA ALA A 618 -5.44 -17.21 -3.79
C ALA A 618 -5.16 -16.84 -5.23
N GLY A 619 -4.29 -17.61 -5.88
CA GLY A 619 -3.97 -17.37 -7.28
C GLY A 619 -3.25 -16.06 -7.55
N ILE A 620 -2.49 -15.57 -6.56
CA ILE A 620 -1.74 -14.32 -6.68
C ILE A 620 -0.24 -14.57 -6.75
N ARG A 621 0.39 -14.06 -7.79
CA ARG A 621 1.85 -14.23 -7.93
C ARG A 621 2.61 -13.23 -7.10
N VAL A 622 3.81 -13.61 -6.68
CA VAL A 622 4.66 -12.75 -5.92
C VAL A 622 5.97 -12.68 -6.68
N ILE A 623 6.32 -11.50 -7.17
CA ILE A 623 7.54 -11.31 -7.93
C ILE A 623 8.51 -10.40 -7.18
N MET A 624 9.76 -10.83 -7.08
CA MET A 624 10.80 -10.03 -6.43
C MET A 624 11.45 -9.06 -7.43
N ILE A 625 11.43 -7.76 -7.11
CA ILE A 625 12.06 -6.74 -7.94
C ILE A 625 13.06 -5.98 -7.05
N THR A 626 14.34 -6.30 -7.22
CA THR A 626 15.37 -5.71 -6.39
C THR A 626 16.55 -5.10 -7.15
N GLY A 627 17.20 -4.13 -6.52
CA GLY A 627 18.37 -3.51 -7.11
C GLY A 627 19.62 -4.28 -6.73
N ASP A 628 19.51 -5.11 -5.70
CA ASP A 628 20.65 -5.88 -5.23
C ASP A 628 21.09 -6.94 -6.24
N ASN A 629 22.29 -7.50 -6.04
CA ASN A 629 22.84 -8.51 -6.94
C ASN A 629 22.01 -9.80 -6.98
N LYS A 630 22.08 -10.49 -8.10
CA LYS A 630 21.33 -11.71 -8.32
C LYS A 630 21.52 -12.84 -7.31
N GLY A 631 22.78 -13.14 -6.99
CA GLY A 631 23.06 -14.22 -6.04
C GLY A 631 22.25 -14.11 -4.75
N THR A 632 22.20 -12.89 -4.22
CA THR A 632 21.48 -12.63 -2.97
C THR A 632 20.00 -12.61 -3.22
N ALA A 633 19.61 -12.00 -4.33
CA ALA A 633 18.19 -11.91 -4.68
C ALA A 633 17.59 -13.30 -4.75
N ILE A 634 18.33 -14.21 -5.37
CA ILE A 634 17.89 -15.57 -5.53
C ILE A 634 17.94 -16.33 -4.21
N ALA A 635 19.02 -16.14 -3.46
CA ALA A 635 19.13 -16.84 -2.18
C ALA A 635 17.89 -16.55 -1.32
N ILE A 636 17.42 -15.32 -1.29
CA ILE A 636 16.23 -14.97 -0.53
C ILE A 636 14.98 -15.59 -1.16
N CYS A 637 14.91 -15.55 -2.49
CA CYS A 637 13.76 -16.15 -3.15
C CYS A 637 13.62 -17.60 -2.70
N ARG A 638 14.76 -18.31 -2.59
CA ARG A 638 14.74 -19.70 -2.14
C ARG A 638 14.28 -19.77 -0.69
N ARG A 639 14.88 -18.96 0.17
CA ARG A 639 14.53 -18.94 1.58
C ARG A 639 13.08 -18.59 1.88
N ILE A 640 12.38 -17.95 0.94
CA ILE A 640 11.00 -17.57 1.24
C ILE A 640 9.93 -18.32 0.47
N GLY A 641 10.33 -19.22 -0.41
CA GLY A 641 9.32 -19.98 -1.14
C GLY A 641 9.05 -19.55 -2.55
N ILE A 642 9.68 -18.48 -3.00
CA ILE A 642 9.49 -18.04 -4.36
C ILE A 642 10.12 -19.06 -5.32
N PHE A 643 11.25 -19.63 -4.91
CA PHE A 643 11.96 -20.64 -5.70
C PHE A 643 12.19 -21.83 -4.78
N GLY A 644 12.32 -23.01 -5.37
CA GLY A 644 12.56 -24.20 -4.59
C GLY A 644 14.00 -24.20 -4.14
N GLU A 645 14.27 -24.86 -3.02
CA GLU A 645 15.62 -24.94 -2.47
C GLU A 645 16.66 -25.30 -3.53
N ASN A 646 16.32 -26.24 -4.41
CA ASN A 646 17.26 -26.62 -5.46
C ASN A 646 16.76 -26.34 -6.87
N GLU A 647 15.66 -25.60 -7.00
CA GLU A 647 15.13 -25.29 -8.32
C GLU A 647 16.14 -24.63 -9.21
N GLU A 648 16.02 -24.92 -10.51
CA GLU A 648 16.90 -24.34 -11.51
C GLU A 648 16.18 -23.09 -12.01
N VAL A 649 16.69 -21.93 -11.61
CA VAL A 649 16.09 -20.67 -12.01
C VAL A 649 16.56 -20.28 -13.40
N ALA A 650 16.40 -21.21 -14.33
CA ALA A 650 16.80 -20.97 -15.72
C ALA A 650 16.31 -19.63 -16.23
N ASP A 651 15.06 -19.60 -16.68
CA ASP A 651 14.47 -18.39 -17.21
C ASP A 651 13.55 -17.69 -16.22
N ARG A 652 13.76 -17.95 -14.94
CA ARG A 652 12.89 -17.32 -13.95
C ARG A 652 13.54 -16.22 -13.12
N ALA A 653 14.84 -16.02 -13.32
CA ALA A 653 15.56 -14.96 -12.61
C ALA A 653 16.33 -14.19 -13.67
N TYR A 654 16.28 -12.87 -13.61
CA TYR A 654 16.98 -12.02 -14.58
C TYR A 654 17.65 -10.83 -13.91
N THR A 655 18.69 -10.31 -14.55
CA THR A 655 19.38 -9.14 -14.04
C THR A 655 18.83 -8.00 -14.88
N GLY A 656 18.98 -6.77 -14.41
CA GLY A 656 18.49 -5.65 -15.17
C GLY A 656 19.05 -5.63 -16.59
N ARG A 657 20.17 -6.30 -16.81
CA ARG A 657 20.76 -6.33 -18.14
C ARG A 657 20.22 -7.47 -18.98
N GLU A 658 20.25 -8.69 -18.46
CA GLU A 658 19.72 -9.82 -19.22
C GLU A 658 18.32 -9.44 -19.71
N PHE A 659 17.61 -8.71 -18.87
CA PHE A 659 16.26 -8.26 -19.18
C PHE A 659 16.30 -7.43 -20.44
N ASP A 660 17.14 -6.40 -20.42
CA ASP A 660 17.30 -5.50 -21.56
C ASP A 660 17.73 -6.20 -22.84
N ASP A 661 18.39 -7.34 -22.72
CA ASP A 661 18.84 -8.08 -23.90
C ASP A 661 17.68 -8.88 -24.48
N LEU A 662 16.52 -8.75 -23.87
CA LEU A 662 15.34 -9.44 -24.36
C LEU A 662 14.54 -8.46 -25.20
N PRO A 663 14.04 -8.91 -26.36
CA PRO A 663 13.26 -8.01 -27.21
C PRO A 663 11.95 -7.76 -26.47
N LEU A 664 11.42 -6.55 -26.57
CA LEU A 664 10.17 -6.19 -25.90
C LEU A 664 9.17 -7.33 -25.79
N ALA A 665 9.00 -8.08 -26.87
CA ALA A 665 8.08 -9.22 -26.86
C ALA A 665 8.46 -10.13 -25.69
N GLU A 666 9.65 -10.72 -25.79
CA GLU A 666 10.17 -11.62 -24.77
C GLU A 666 10.17 -10.97 -23.40
N GLN A 667 10.50 -9.68 -23.36
CA GLN A 667 10.53 -8.93 -22.11
C GLN A 667 9.18 -9.07 -21.46
N ARG A 668 8.15 -8.62 -22.18
CA ARG A 668 6.77 -8.66 -21.72
C ARG A 668 6.41 -10.05 -21.21
N GLU A 669 6.73 -11.05 -22.00
CA GLU A 669 6.44 -12.43 -21.63
C GLU A 669 7.17 -12.82 -20.34
N ALA A 670 8.39 -12.31 -20.20
CA ALA A 670 9.23 -12.59 -19.04
C ALA A 670 8.54 -12.23 -17.72
N CYS A 671 7.79 -11.13 -17.74
CA CYS A 671 7.09 -10.67 -16.54
C CYS A 671 6.01 -11.64 -16.08
N ARG A 672 5.60 -12.52 -16.99
CA ARG A 672 4.57 -13.51 -16.69
C ARG A 672 5.16 -14.85 -16.26
N ARG A 673 6.45 -15.03 -16.50
CA ARG A 673 7.14 -16.27 -16.18
C ARG A 673 8.10 -16.11 -15.01
N ALA A 674 9.03 -15.17 -15.15
CA ALA A 674 10.05 -14.91 -14.12
C ALA A 674 9.48 -14.34 -12.82
N CYS A 675 10.14 -14.65 -11.70
CA CYS A 675 9.69 -14.19 -10.40
C CYS A 675 10.74 -13.37 -9.67
N CYS A 676 11.91 -13.27 -10.28
CA CYS A 676 13.00 -12.54 -9.67
C CYS A 676 13.74 -11.64 -10.66
N PHE A 677 13.79 -10.35 -10.34
CA PHE A 677 14.50 -9.37 -11.16
C PHE A 677 15.48 -8.65 -10.25
N ALA A 678 16.76 -8.90 -10.49
CA ALA A 678 17.83 -8.31 -9.71
C ALA A 678 18.67 -7.32 -10.50
N ARG A 679 19.42 -6.50 -9.78
CA ARG A 679 20.28 -5.50 -10.38
C ARG A 679 19.46 -4.72 -11.39
N VAL A 680 18.27 -4.32 -10.94
CA VAL A 680 17.34 -3.55 -11.74
C VAL A 680 17.42 -2.13 -11.22
N GLU A 681 16.88 -1.18 -11.98
CA GLU A 681 16.88 0.22 -11.59
C GLU A 681 15.44 0.64 -11.37
N PRO A 682 15.20 1.83 -10.78
CA PRO A 682 13.84 2.32 -10.53
C PRO A 682 12.88 2.22 -11.72
N SER A 683 13.34 2.56 -12.91
CA SER A 683 12.50 2.50 -14.10
C SER A 683 12.20 1.05 -14.48
N HIS A 684 13.17 0.17 -14.22
CA HIS A 684 13.00 -1.25 -14.51
C HIS A 684 11.81 -1.76 -13.71
N LYS A 685 11.70 -1.30 -12.47
CA LYS A 685 10.62 -1.71 -11.61
C LYS A 685 9.30 -1.24 -12.18
N SER A 686 9.23 0.02 -12.57
CA SER A 686 8.02 0.60 -13.15
C SER A 686 7.65 -0.11 -14.44
N LYS A 687 8.66 -0.38 -15.26
CA LYS A 687 8.44 -1.03 -16.53
C LYS A 687 7.76 -2.37 -16.26
N ILE A 688 8.41 -3.21 -15.46
CA ILE A 688 7.86 -4.52 -15.09
C ILE A 688 6.40 -4.39 -14.68
N VAL A 689 6.11 -3.43 -13.80
CA VAL A 689 4.74 -3.22 -13.35
C VAL A 689 3.84 -2.88 -14.52
N GLU A 690 4.36 -2.10 -15.46
CA GLU A 690 3.61 -1.71 -16.64
C GLU A 690 3.27 -2.93 -17.48
N TYR A 691 4.28 -3.75 -17.75
CA TYR A 691 4.06 -4.97 -18.52
C TYR A 691 2.89 -5.75 -17.92
N LEU A 692 2.98 -6.05 -16.63
CA LEU A 692 1.94 -6.79 -15.94
C LEU A 692 0.55 -6.21 -16.20
N GLN A 693 0.43 -4.91 -15.98
CA GLN A 693 -0.83 -4.23 -16.18
C GLN A 693 -1.31 -4.33 -17.63
N SER A 694 -0.36 -4.41 -18.58
CA SER A 694 -0.73 -4.53 -19.99
C SER A 694 -1.56 -5.80 -20.20
N TYR A 695 -1.35 -6.80 -19.34
CA TYR A 695 -2.10 -8.04 -19.42
C TYR A 695 -3.36 -7.90 -18.56
N ASP A 696 -3.75 -6.66 -18.27
CA ASP A 696 -4.94 -6.39 -17.45
C ASP A 696 -4.86 -6.96 -16.05
N GLU A 697 -3.66 -7.10 -15.52
CA GLU A 697 -3.50 -7.62 -14.17
C GLU A 697 -3.42 -6.50 -13.16
N ILE A 698 -4.22 -6.59 -12.10
CA ILE A 698 -4.18 -5.59 -11.06
C ILE A 698 -2.93 -5.92 -10.26
N THR A 699 -1.93 -5.04 -10.33
CA THR A 699 -0.68 -5.30 -9.62
C THR A 699 -0.48 -4.43 -8.39
N ALA A 700 0.17 -5.00 -7.39
CA ALA A 700 0.49 -4.31 -6.17
C ALA A 700 2.00 -4.24 -6.20
N MET A 701 2.57 -3.32 -5.43
CA MET A 701 4.00 -3.16 -5.37
C MET A 701 4.32 -2.91 -3.91
N THR A 702 5.37 -3.56 -3.42
CA THR A 702 5.78 -3.41 -2.02
C THR A 702 7.19 -2.86 -1.99
N GLY A 703 7.39 -1.77 -1.24
CA GLY A 703 8.71 -1.16 -1.20
C GLY A 703 9.01 -0.30 0.00
N ASP A 704 10.28 0.12 0.07
CA ASP A 704 10.75 0.92 1.19
C ASP A 704 11.69 2.03 0.73
N GLY A 705 12.47 1.75 -0.32
CA GLY A 705 13.43 2.73 -0.79
C GLY A 705 13.01 3.72 -1.87
N VAL A 706 13.90 4.68 -2.11
CA VAL A 706 13.66 5.70 -3.12
C VAL A 706 13.47 4.96 -4.44
N ASN A 707 14.30 3.96 -4.66
CA ASN A 707 14.23 3.18 -5.90
C ASN A 707 12.90 2.46 -6.12
N ASP A 708 12.02 2.49 -5.12
CA ASP A 708 10.72 1.84 -5.25
C ASP A 708 9.60 2.80 -5.62
N ALA A 709 9.78 4.09 -5.31
CA ALA A 709 8.77 5.12 -5.57
C ALA A 709 8.09 5.10 -6.96
N PRO A 710 8.88 5.04 -8.04
CA PRO A 710 8.17 5.03 -9.32
C PRO A 710 7.16 3.86 -9.44
N ALA A 711 7.62 2.64 -9.15
CA ALA A 711 6.75 1.45 -9.25
C ALA A 711 5.61 1.44 -8.26
N LEU A 712 5.84 2.00 -7.08
CA LEU A 712 4.78 2.05 -6.08
C LEU A 712 3.61 2.90 -6.57
N LYS A 713 3.90 4.09 -7.09
CA LYS A 713 2.86 4.99 -7.58
C LYS A 713 2.12 4.32 -8.75
N LYS A 714 2.90 3.81 -9.70
CA LYS A 714 2.34 3.16 -10.87
C LYS A 714 1.37 2.01 -10.55
N ALA A 715 1.69 1.22 -9.52
CA ALA A 715 0.86 0.10 -9.12
C ALA A 715 -0.55 0.56 -8.73
N GLU A 716 -1.55 -0.26 -9.06
CA GLU A 716 -2.91 0.04 -8.70
C GLU A 716 -2.92 0.26 -7.19
N ILE A 717 -2.14 -0.56 -6.48
CA ILE A 717 -2.04 -0.46 -5.03
C ILE A 717 -0.58 -0.48 -4.60
N GLY A 718 -0.10 0.67 -4.12
CA GLY A 718 1.28 0.78 -3.66
C GLY A 718 1.33 0.51 -2.17
N ILE A 719 2.24 -0.35 -1.74
CA ILE A 719 2.37 -0.71 -0.33
C ILE A 719 3.76 -0.38 0.16
N ALA A 720 3.83 0.48 1.19
CA ALA A 720 5.11 0.90 1.75
C ALA A 720 5.28 0.45 3.18
N MET A 721 6.52 0.09 3.51
CA MET A 721 6.87 -0.36 4.86
C MET A 721 6.85 0.83 5.81
N GLY A 722 6.36 0.61 7.03
CA GLY A 722 6.31 1.67 8.01
C GLY A 722 7.67 2.26 8.36
N SER A 723 8.73 1.48 8.15
CA SER A 723 10.08 1.92 8.44
C SER A 723 10.84 2.24 7.16
N GLY A 724 10.11 2.51 6.09
CA GLY A 724 10.75 2.83 4.82
C GLY A 724 10.93 4.33 4.66
N THR A 725 11.37 4.76 3.48
CA THR A 725 11.58 6.17 3.22
C THR A 725 10.29 6.96 3.10
N ALA A 726 10.46 8.29 3.06
CA ALA A 726 9.36 9.24 2.94
C ALA A 726 8.75 9.20 1.54
N VAL A 727 9.58 9.31 0.52
CA VAL A 727 9.08 9.25 -0.85
C VAL A 727 8.17 8.02 -1.04
N ALA A 728 8.71 6.86 -0.69
CA ALA A 728 7.98 5.61 -0.83
C ALA A 728 6.61 5.66 -0.14
N LYS A 729 6.55 6.20 1.06
CA LYS A 729 5.30 6.27 1.81
C LYS A 729 4.23 7.17 1.20
N THR A 730 4.64 8.25 0.53
CA THR A 730 3.68 9.17 -0.06
C THR A 730 3.15 8.63 -1.38
N ALA A 731 3.93 7.78 -2.03
CA ALA A 731 3.55 7.18 -3.31
C ALA A 731 2.75 5.89 -3.12
N SER A 732 2.26 5.65 -1.92
CA SER A 732 1.53 4.41 -1.63
C SER A 732 0.13 4.68 -1.10
N GLU A 733 -0.78 3.76 -1.37
CA GLU A 733 -2.13 3.92 -0.88
C GLU A 733 -2.22 3.25 0.47
N MET A 734 -1.20 2.46 0.78
CA MET A 734 -1.17 1.74 2.05
C MET A 734 0.24 1.68 2.65
N VAL A 735 0.28 1.68 3.99
CA VAL A 735 1.54 1.62 4.70
C VAL A 735 1.46 0.62 5.85
N LEU A 736 2.46 -0.25 5.94
CA LEU A 736 2.49 -1.23 6.99
C LEU A 736 3.35 -0.69 8.12
N ALA A 737 2.80 0.26 8.88
CA ALA A 737 3.52 0.88 9.99
C ALA A 737 4.05 -0.20 10.92
N ASP A 738 3.53 -1.40 10.73
CA ASP A 738 3.88 -2.57 11.50
C ASP A 738 5.10 -3.28 10.89
N ASP A 739 5.25 -3.12 9.58
CA ASP A 739 6.33 -3.75 8.82
C ASP A 739 6.02 -5.26 8.69
N ASN A 740 4.77 -5.63 8.98
CA ASN A 740 4.36 -7.03 8.88
C ASN A 740 3.84 -7.39 7.50
N PHE A 741 4.71 -7.98 6.69
CA PHE A 741 4.39 -8.37 5.33
C PHE A 741 3.12 -9.20 5.19
N SER A 742 2.74 -9.95 6.23
CA SER A 742 1.53 -10.78 6.14
C SER A 742 0.22 -9.99 6.24
N THR A 743 0.29 -8.72 6.63
CA THR A 743 -0.90 -7.90 6.72
C THR A 743 -1.42 -7.66 5.30
N ILE A 744 -0.56 -7.90 4.31
CA ILE A 744 -0.98 -7.72 2.93
C ILE A 744 -2.01 -8.79 2.60
N VAL A 745 -1.70 -10.04 2.93
CA VAL A 745 -2.61 -11.14 2.68
C VAL A 745 -3.96 -10.91 3.37
N ALA A 746 -3.93 -10.31 4.55
CA ALA A 746 -5.17 -10.05 5.27
C ALA A 746 -5.93 -8.94 4.54
N ALA A 747 -5.18 -7.94 4.09
CA ALA A 747 -5.75 -6.79 3.37
C ALA A 747 -6.39 -7.27 2.10
N VAL A 748 -5.76 -8.25 1.47
CA VAL A 748 -6.30 -8.79 0.24
C VAL A 748 -7.59 -9.51 0.59
N GLU A 749 -7.52 -10.32 1.64
CA GLU A 749 -8.71 -11.06 2.06
C GLU A 749 -9.83 -10.07 2.34
N GLU A 750 -9.47 -9.04 3.09
CA GLU A 750 -10.41 -8.00 3.44
C GLU A 750 -10.98 -7.42 2.15
N GLY A 751 -10.10 -7.04 1.23
CA GLY A 751 -10.54 -6.45 -0.02
C GLY A 751 -11.48 -7.33 -0.82
N ARG A 752 -11.25 -8.64 -0.78
CA ARG A 752 -12.10 -9.56 -1.50
C ARG A 752 -13.49 -9.61 -0.86
N ALA A 753 -13.55 -9.72 0.46
CA ALA A 753 -14.84 -9.75 1.15
C ALA A 753 -15.55 -8.43 0.87
N ILE A 754 -14.79 -7.34 0.81
CA ILE A 754 -15.34 -6.03 0.53
C ILE A 754 -15.92 -5.97 -0.90
N TYR A 755 -15.10 -6.33 -1.89
CA TYR A 755 -15.57 -6.28 -3.26
C TYR A 755 -16.88 -7.03 -3.47
N ASN A 756 -16.95 -8.28 -2.99
CA ASN A 756 -18.16 -9.08 -3.15
C ASN A 756 -19.37 -8.41 -2.55
N ASN A 757 -19.22 -7.89 -1.34
CA ASN A 757 -20.31 -7.20 -0.67
C ASN A 757 -20.70 -5.93 -1.41
N MET A 758 -19.71 -5.20 -1.93
CA MET A 758 -20.00 -3.98 -2.66
C MET A 758 -20.76 -4.33 -3.91
N LYS A 759 -20.27 -5.33 -4.64
CA LYS A 759 -20.93 -5.75 -5.86
C LYS A 759 -22.39 -6.00 -5.53
N GLN A 760 -22.62 -6.74 -4.45
CA GLN A 760 -23.97 -7.06 -4.04
C GLN A 760 -24.84 -5.83 -3.75
N PHE A 761 -24.38 -4.92 -2.88
CA PHE A 761 -25.23 -3.77 -2.60
C PHE A 761 -25.32 -2.77 -3.75
N ILE A 762 -24.29 -2.71 -4.60
CA ILE A 762 -24.35 -1.81 -5.74
C ILE A 762 -25.53 -2.32 -6.58
N ARG A 763 -25.53 -3.64 -6.80
CA ARG A 763 -26.58 -4.30 -7.57
C ARG A 763 -27.93 -4.02 -6.97
N TYR A 764 -28.03 -4.18 -5.67
CA TYR A 764 -29.28 -3.93 -4.97
C TYR A 764 -29.82 -2.54 -5.33
N LEU A 765 -29.06 -1.51 -4.99
CA LEU A 765 -29.47 -0.14 -5.26
C LEU A 765 -29.79 0.15 -6.71
N ILE A 766 -28.89 -0.19 -7.61
CA ILE A 766 -29.13 0.07 -9.03
C ILE A 766 -30.37 -0.69 -9.48
N SER A 767 -30.63 -1.82 -8.82
CA SER A 767 -31.78 -2.65 -9.14
C SER A 767 -33.08 -1.90 -8.94
N SER A 768 -33.34 -1.45 -7.71
CA SER A 768 -34.55 -0.71 -7.41
C SER A 768 -34.64 0.54 -8.29
N ASN A 769 -33.50 1.08 -8.68
CA ASN A 769 -33.49 2.25 -9.54
C ASN A 769 -34.16 1.93 -10.86
N VAL A 770 -33.96 0.70 -11.33
CA VAL A 770 -34.55 0.26 -12.58
C VAL A 770 -36.09 0.20 -12.45
N GLY A 771 -36.56 -0.41 -11.36
CA GLY A 771 -37.98 -0.54 -11.13
C GLY A 771 -38.64 0.81 -10.91
N GLU A 772 -37.92 1.71 -10.24
CA GLU A 772 -38.41 3.04 -9.96
C GLU A 772 -38.63 3.78 -11.27
N VAL A 773 -37.70 3.63 -12.20
CA VAL A 773 -37.80 4.29 -13.49
C VAL A 773 -38.94 3.70 -14.33
N VAL A 774 -39.22 2.42 -14.11
CA VAL A 774 -40.29 1.75 -14.83
C VAL A 774 -41.63 2.30 -14.34
N CYS A 775 -41.75 2.43 -13.03
CA CYS A 775 -42.96 2.95 -12.41
C CYS A 775 -43.26 4.36 -12.91
N ILE A 776 -42.24 5.20 -12.99
CA ILE A 776 -42.40 6.57 -13.46
C ILE A 776 -42.74 6.54 -14.94
N PHE A 777 -42.06 5.67 -15.68
CA PHE A 777 -42.29 5.56 -17.11
C PHE A 777 -43.73 5.15 -17.40
N LEU A 778 -44.16 4.03 -16.81
CA LEU A 778 -45.51 3.52 -17.01
C LEU A 778 -46.57 4.59 -16.80
N THR A 779 -46.51 5.28 -15.66
CA THR A 779 -47.48 6.32 -15.34
C THR A 779 -47.43 7.43 -16.38
N ALA A 780 -46.22 7.84 -16.74
CA ALA A 780 -46.05 8.90 -17.73
C ALA A 780 -46.46 8.41 -19.10
N ALA A 781 -46.65 7.11 -19.24
CA ALA A 781 -47.05 6.52 -20.52
C ALA A 781 -48.56 6.29 -20.60
N LEU A 782 -49.11 5.70 -19.54
CA LEU A 782 -50.54 5.43 -19.48
C LEU A 782 -51.32 6.71 -19.17
N GLY A 783 -50.58 7.79 -18.97
CA GLY A 783 -51.20 9.06 -18.66
C GLY A 783 -51.62 9.12 -17.21
N LEU A 784 -51.54 7.97 -16.54
CA LEU A 784 -51.91 7.88 -15.13
C LEU A 784 -51.20 8.90 -14.25
N PRO A 785 -51.78 9.19 -13.08
CA PRO A 785 -51.18 10.15 -12.15
C PRO A 785 -49.92 9.61 -11.48
N GLU A 786 -49.15 10.52 -10.88
CA GLU A 786 -47.91 10.16 -10.21
C GLU A 786 -48.16 9.29 -8.99
N ALA A 787 -47.61 8.08 -9.03
CA ALA A 787 -47.75 7.13 -7.92
C ALA A 787 -46.67 7.38 -6.89
N LEU A 788 -45.53 7.87 -7.36
CA LEU A 788 -44.40 8.19 -6.51
C LEU A 788 -43.79 9.53 -6.90
N ILE A 789 -43.38 10.30 -5.91
CA ILE A 789 -42.77 11.60 -6.14
C ILE A 789 -41.37 11.59 -5.53
N PRO A 790 -40.43 12.36 -6.13
CA PRO A 790 -39.04 12.48 -5.67
C PRO A 790 -38.82 12.56 -4.16
N VAL A 791 -39.72 13.24 -3.47
CA VAL A 791 -39.61 13.38 -2.03
C VAL A 791 -39.60 11.99 -1.39
N GLN A 792 -40.32 11.06 -2.03
CA GLN A 792 -40.42 9.68 -1.54
C GLN A 792 -39.28 8.83 -2.13
N LEU A 793 -38.92 9.10 -3.37
CA LEU A 793 -37.85 8.37 -4.03
C LEU A 793 -36.54 8.57 -3.29
N LEU A 794 -36.31 9.82 -2.86
CA LEU A 794 -35.09 10.14 -2.15
C LEU A 794 -35.01 9.49 -0.78
N TRP A 795 -36.09 9.60 -0.02
CA TRP A 795 -36.11 9.01 1.30
C TRP A 795 -35.80 7.51 1.25
N VAL A 796 -36.31 6.83 0.24
CA VAL A 796 -36.09 5.39 0.10
C VAL A 796 -34.68 5.08 -0.42
N ASN A 797 -34.26 5.84 -1.42
CA ASN A 797 -32.94 5.66 -2.03
C ASN A 797 -31.81 6.01 -1.06
N LEU A 798 -32.11 6.84 -0.06
CA LEU A 798 -31.12 7.26 0.91
C LEU A 798 -31.23 6.53 2.24
N VAL A 799 -32.44 6.29 2.70
CA VAL A 799 -32.65 5.65 3.99
C VAL A 799 -33.20 4.23 3.94
N THR A 800 -34.45 4.13 3.51
CA THR A 800 -35.14 2.84 3.43
C THR A 800 -34.26 1.74 2.86
N ASP A 801 -33.58 2.04 1.75
CA ASP A 801 -32.71 1.08 1.10
C ASP A 801 -31.24 1.23 1.49
N GLY A 802 -30.83 2.48 1.74
CA GLY A 802 -29.46 2.74 2.14
C GLY A 802 -29.04 1.90 3.32
N LEU A 803 -29.96 1.67 4.26
CA LEU A 803 -29.64 0.88 5.44
C LEU A 803 -29.42 -0.59 5.13
N PRO A 804 -30.35 -1.22 4.40
CA PRO A 804 -30.11 -2.63 4.10
C PRO A 804 -28.85 -2.84 3.24
N ALA A 805 -28.57 -1.88 2.36
CA ALA A 805 -27.40 -1.95 1.46
C ALA A 805 -26.11 -2.07 2.27
N THR A 806 -26.05 -1.29 3.34
CA THR A 806 -24.90 -1.28 4.23
C THR A 806 -24.82 -2.63 4.96
N ALA A 807 -25.97 -3.14 5.36
CA ALA A 807 -26.03 -4.42 6.05
C ALA A 807 -25.53 -5.53 5.13
N LEU A 808 -25.59 -5.28 3.83
CA LEU A 808 -25.13 -6.24 2.83
C LEU A 808 -23.62 -6.13 2.73
N GLY A 809 -23.10 -4.96 3.10
CA GLY A 809 -21.67 -4.74 3.08
C GLY A 809 -21.08 -5.58 4.20
N PHE A 810 -21.96 -6.09 5.07
CA PHE A 810 -21.54 -6.93 6.18
C PHE A 810 -21.87 -8.38 5.89
N ASN A 811 -22.11 -8.69 4.62
CA ASN A 811 -22.41 -10.05 4.21
C ASN A 811 -21.20 -10.89 4.54
N PRO A 812 -21.41 -12.00 5.26
CA PRO A 812 -20.27 -12.85 5.61
C PRO A 812 -19.57 -13.34 4.35
N PRO A 813 -18.23 -13.35 4.35
CA PRO A 813 -17.51 -13.82 3.16
C PRO A 813 -17.54 -15.34 3.06
N ASP A 814 -17.27 -15.85 1.87
CA ASP A 814 -17.26 -17.30 1.66
C ASP A 814 -16.16 -17.97 2.49
N LEU A 815 -16.26 -19.29 2.64
CA LEU A 815 -15.28 -20.05 3.42
C LEU A 815 -14.01 -20.32 2.64
N ASP A 816 -14.05 -20.06 1.35
CA ASP A 816 -12.91 -20.26 0.49
C ASP A 816 -12.63 -18.97 -0.26
N ILE A 817 -12.93 -17.85 0.40
CA ILE A 817 -12.73 -16.53 -0.18
C ILE A 817 -11.33 -16.36 -0.73
N MET A 818 -10.36 -16.99 -0.07
CA MET A 818 -8.97 -16.92 -0.49
C MET A 818 -8.45 -18.23 -1.08
N ASP A 819 -9.34 -19.02 -1.66
CA ASP A 819 -8.94 -20.30 -2.25
C ASP A 819 -9.49 -20.33 -3.65
N ARG A 820 -9.41 -19.18 -4.30
CA ARG A 820 -9.90 -19.02 -5.66
C ARG A 820 -9.05 -17.88 -6.20
N PRO A 821 -8.98 -17.74 -7.54
CA PRO A 821 -8.19 -16.66 -8.14
C PRO A 821 -8.90 -15.30 -8.09
N PRO A 822 -8.16 -14.22 -8.38
CA PRO A 822 -8.71 -12.86 -8.39
C PRO A 822 -9.73 -12.76 -9.50
N ARG A 823 -10.80 -11.99 -9.31
CA ARG A 823 -11.79 -11.81 -10.36
C ARG A 823 -11.23 -10.75 -11.31
N SER A 824 -11.61 -10.83 -12.59
CA SER A 824 -11.16 -9.87 -13.59
C SER A 824 -11.62 -8.46 -13.30
N PRO A 825 -10.77 -7.46 -13.60
CA PRO A 825 -11.12 -6.05 -13.36
C PRO A 825 -12.26 -5.61 -14.29
N LYS A 826 -12.18 -6.10 -15.53
CA LYS A 826 -13.15 -5.81 -16.58
C LYS A 826 -14.52 -6.42 -16.30
N GLU A 827 -14.57 -7.41 -15.41
CA GLU A 827 -15.81 -8.07 -15.06
C GLU A 827 -16.90 -7.04 -14.74
N PRO A 828 -18.03 -7.07 -15.49
CA PRO A 828 -19.16 -6.15 -15.30
C PRO A 828 -19.98 -6.59 -14.09
N LEU A 829 -20.61 -5.64 -13.42
CA LEU A 829 -21.41 -5.97 -12.25
C LEU A 829 -22.76 -6.62 -12.58
N ILE A 830 -23.34 -6.23 -13.72
CA ILE A 830 -24.63 -6.75 -14.15
C ILE A 830 -24.66 -6.93 -15.67
N SER A 831 -24.98 -8.15 -16.10
CA SER A 831 -25.07 -8.48 -17.51
C SER A 831 -25.60 -9.89 -17.65
N GLY A 832 -25.69 -10.37 -18.89
CA GLY A 832 -26.18 -11.71 -19.13
C GLY A 832 -27.47 -12.03 -18.40
N TRP A 833 -27.54 -13.19 -17.79
CA TRP A 833 -28.74 -13.61 -17.07
C TRP A 833 -29.19 -12.52 -16.09
N LEU A 834 -28.29 -12.15 -15.18
CA LEU A 834 -28.59 -11.16 -14.16
C LEU A 834 -29.22 -9.89 -14.75
N PHE A 835 -28.71 -9.45 -15.90
CA PHE A 835 -29.27 -8.28 -16.56
C PHE A 835 -30.77 -8.51 -16.74
N PHE A 836 -31.10 -9.71 -17.21
CA PHE A 836 -32.49 -10.11 -17.42
C PHE A 836 -33.23 -10.17 -16.10
N ARG A 837 -32.59 -10.72 -15.07
CA ARG A 837 -33.22 -10.83 -13.75
C ARG A 837 -33.66 -9.47 -13.23
N TYR A 838 -32.76 -8.49 -13.28
CA TYR A 838 -33.06 -7.14 -12.81
C TYR A 838 -33.95 -6.47 -13.82
N MET A 839 -33.92 -6.99 -15.04
CA MET A 839 -34.75 -6.47 -16.11
C MET A 839 -36.19 -6.83 -15.74
N ALA A 840 -36.39 -8.07 -15.29
CA ALA A 840 -37.70 -8.57 -14.92
C ALA A 840 -38.14 -8.02 -13.56
N ILE A 841 -37.22 -8.01 -12.60
CA ILE A 841 -37.51 -7.50 -11.27
C ILE A 841 -37.93 -6.05 -11.44
N GLY A 842 -37.16 -5.31 -12.24
CA GLY A 842 -37.48 -3.91 -12.47
C GLY A 842 -38.89 -3.82 -12.98
N GLY A 843 -39.16 -4.51 -14.10
CA GLY A 843 -40.48 -4.50 -14.68
C GLY A 843 -41.54 -4.81 -13.62
N TYR A 844 -41.31 -5.87 -12.85
CA TYR A 844 -42.24 -6.27 -11.81
C TYR A 844 -42.51 -5.15 -10.81
N VAL A 845 -41.51 -4.30 -10.60
CA VAL A 845 -41.65 -3.19 -9.66
C VAL A 845 -42.52 -2.08 -10.25
N GLY A 846 -42.16 -1.62 -11.45
CA GLY A 846 -42.93 -0.57 -12.09
C GLY A 846 -44.40 -0.94 -12.16
N ALA A 847 -44.67 -2.20 -12.51
CA ALA A 847 -46.03 -2.68 -12.60
C ALA A 847 -46.71 -2.76 -11.24
N ALA A 848 -46.00 -3.29 -10.25
CA ALA A 848 -46.55 -3.43 -8.90
C ALA A 848 -46.86 -2.10 -8.23
N THR A 849 -45.92 -1.17 -8.28
CA THR A 849 -46.10 0.14 -7.65
C THR A 849 -47.24 0.92 -8.30
N VAL A 850 -47.17 1.06 -9.61
CA VAL A 850 -48.20 1.77 -10.36
C VAL A 850 -49.52 1.04 -10.23
N GLY A 851 -49.46 -0.29 -10.25
CA GLY A 851 -50.66 -1.09 -10.13
C GLY A 851 -51.30 -0.99 -8.77
N ALA A 852 -50.47 -0.80 -7.75
CA ALA A 852 -50.96 -0.68 -6.38
C ALA A 852 -51.68 0.66 -6.26
N ALA A 853 -51.17 1.66 -6.99
CA ALA A 853 -51.78 2.99 -6.97
C ALA A 853 -53.14 2.91 -7.63
N ALA A 854 -53.14 2.61 -8.92
CA ALA A 854 -54.37 2.49 -9.71
C ALA A 854 -55.37 1.56 -9.03
N TRP A 855 -54.86 0.58 -8.29
CA TRP A 855 -55.74 -0.34 -7.60
C TRP A 855 -56.59 0.44 -6.60
N TRP A 856 -55.94 1.28 -5.81
CA TRP A 856 -56.64 2.10 -4.82
C TRP A 856 -57.63 3.02 -5.53
N PHE A 857 -57.27 3.44 -6.74
CA PHE A 857 -58.11 4.32 -7.55
C PHE A 857 -59.21 3.57 -8.30
N MET A 858 -59.29 2.26 -8.13
CA MET A 858 -60.31 1.50 -8.85
C MET A 858 -61.01 0.36 -8.11
N TYR A 859 -60.36 -0.23 -7.11
CA TYR A 859 -60.99 -1.34 -6.40
C TYR A 859 -60.97 -1.24 -4.88
N ALA A 860 -60.31 -0.22 -4.35
CA ALA A 860 -60.25 -0.04 -2.91
C ALA A 860 -61.67 0.10 -2.36
N GLU A 861 -62.01 -0.75 -1.41
CA GLU A 861 -63.35 -0.71 -0.81
C GLU A 861 -63.67 0.66 -0.26
N ASP A 862 -62.63 1.43 0.05
CA ASP A 862 -62.80 2.77 0.59
C ASP A 862 -62.16 3.83 -0.32
N GLY A 863 -62.08 3.51 -1.61
CA GLY A 863 -61.50 4.43 -2.56
C GLY A 863 -62.46 4.62 -3.73
N PRO A 864 -62.20 5.59 -4.61
CA PRO A 864 -63.11 5.77 -5.74
C PRO A 864 -63.02 4.57 -6.67
N GLY A 865 -64.12 4.26 -7.34
CA GLY A 865 -64.13 3.14 -8.26
C GLY A 865 -63.90 3.63 -9.68
N VAL A 866 -63.29 4.80 -9.80
CA VAL A 866 -62.99 5.40 -11.10
C VAL A 866 -62.62 4.35 -12.14
N THR A 867 -63.03 4.59 -13.39
CA THR A 867 -62.71 3.65 -14.46
C THR A 867 -61.28 3.89 -14.92
N TYR A 868 -60.69 2.89 -15.58
CA TYR A 868 -59.33 3.00 -16.07
C TYR A 868 -59.19 4.22 -16.99
N HIS A 869 -60.26 4.54 -17.69
CA HIS A 869 -60.26 5.66 -18.61
C HIS A 869 -60.29 7.01 -17.88
N GLN A 870 -61.04 7.05 -16.78
CA GLN A 870 -61.14 8.28 -16.00
C GLN A 870 -59.86 8.52 -15.21
N LEU A 871 -58.94 7.56 -15.27
CA LEU A 871 -57.68 7.66 -14.54
C LEU A 871 -56.58 8.10 -15.51
N THR A 872 -56.58 7.50 -16.70
CA THR A 872 -55.60 7.84 -17.72
C THR A 872 -55.87 9.27 -18.18
N HIS A 873 -57.12 9.71 -17.97
CA HIS A 873 -57.55 11.07 -18.32
C HIS A 873 -57.98 11.78 -17.06
N PHE A 874 -57.11 11.83 -16.07
CA PHE A 874 -57.42 12.48 -14.81
C PHE A 874 -57.17 13.97 -14.90
N MET A 875 -56.42 14.37 -15.92
CA MET A 875 -56.07 15.78 -16.14
C MET A 875 -57.30 16.63 -16.48
N GLN A 876 -57.95 16.29 -17.59
CA GLN A 876 -59.13 17.03 -18.06
C GLN A 876 -60.36 16.79 -17.20
N CYS A 877 -60.13 16.40 -15.95
CA CYS A 877 -61.22 16.12 -15.02
C CYS A 877 -62.11 17.35 -14.79
N THR A 878 -61.49 18.49 -14.55
CA THR A 878 -62.22 19.73 -14.30
C THR A 878 -63.14 20.13 -15.44
N GLU A 879 -62.56 20.55 -16.56
CA GLU A 879 -63.36 20.96 -17.71
C GLU A 879 -64.42 19.94 -18.12
N ASP A 880 -63.98 18.82 -18.67
CA ASP A 880 -64.91 17.78 -19.11
C ASP A 880 -65.46 17.02 -17.89
N HIS A 881 -66.07 17.75 -16.96
CA HIS A 881 -66.61 17.14 -15.74
C HIS A 881 -67.62 16.02 -15.95
N PRO A 882 -68.50 16.13 -16.96
CA PRO A 882 -69.48 15.07 -17.22
C PRO A 882 -68.87 13.69 -17.42
N HIS A 883 -67.81 13.64 -18.23
CA HIS A 883 -67.13 12.37 -18.49
C HIS A 883 -66.70 11.75 -17.17
N PHE A 884 -66.33 12.59 -16.21
CA PHE A 884 -65.89 12.13 -14.90
C PHE A 884 -66.89 12.48 -13.81
N GLU A 885 -68.17 12.39 -14.15
CA GLU A 885 -69.24 12.67 -13.21
C GLU A 885 -69.13 11.69 -12.05
N GLY A 886 -68.93 12.21 -10.83
CA GLY A 886 -68.82 11.31 -9.71
C GLY A 886 -68.32 11.91 -8.40
N LEU A 887 -67.04 12.28 -8.36
CA LEU A 887 -66.46 12.84 -7.14
C LEU A 887 -65.69 14.15 -7.37
N ASP A 888 -64.71 14.41 -6.50
CA ASP A 888 -63.89 15.62 -6.56
C ASP A 888 -62.65 15.47 -7.46
N CYS A 889 -62.47 16.40 -8.40
CA CYS A 889 -61.33 16.37 -9.32
C CYS A 889 -59.95 16.51 -8.68
N GLU A 890 -59.93 16.65 -7.36
CA GLU A 890 -58.66 16.79 -6.66
C GLU A 890 -58.31 15.48 -5.97
N ILE A 891 -59.11 14.44 -6.24
CA ILE A 891 -58.87 13.14 -5.64
C ILE A 891 -57.67 12.47 -6.30
N PHE A 892 -57.23 13.04 -7.42
CA PHE A 892 -56.07 12.51 -8.15
C PHE A 892 -54.77 12.95 -7.48
N GLU A 893 -54.91 13.68 -6.37
CA GLU A 893 -53.76 14.16 -5.62
C GLU A 893 -53.79 13.58 -4.21
N ALA A 894 -54.59 12.54 -4.04
CA ALA A 894 -54.72 11.86 -2.74
C ALA A 894 -53.45 11.09 -2.36
N PRO A 895 -53.11 11.10 -1.06
CA PRO A 895 -51.92 10.41 -0.58
C PRO A 895 -52.05 8.88 -0.54
N GLU A 896 -53.27 8.39 -0.36
CA GLU A 896 -53.50 6.94 -0.30
C GLU A 896 -52.87 6.17 -1.46
N PRO A 897 -53.13 6.58 -2.72
CA PRO A 897 -52.57 5.87 -3.87
C PRO A 897 -51.03 5.83 -3.88
N MET A 898 -50.39 6.95 -3.60
CA MET A 898 -48.93 7.00 -3.57
C MET A 898 -48.40 6.18 -2.41
N THR A 899 -49.08 6.30 -1.27
CA THR A 899 -48.70 5.57 -0.05
C THR A 899 -48.79 4.09 -0.36
N MET A 900 -49.79 3.75 -1.16
CA MET A 900 -50.03 2.37 -1.56
C MET A 900 -48.83 1.96 -2.42
N ALA A 901 -48.47 2.81 -3.39
CA ALA A 901 -47.36 2.54 -4.28
C ALA A 901 -46.03 2.49 -3.53
N LEU A 902 -45.80 3.46 -2.64
CA LEU A 902 -44.56 3.52 -1.89
C LEU A 902 -44.40 2.32 -0.97
N SER A 903 -45.44 1.99 -0.21
CA SER A 903 -45.39 0.87 0.71
C SER A 903 -45.13 -0.45 0.02
N VAL A 904 -45.45 -0.53 -1.27
CA VAL A 904 -45.20 -1.73 -2.04
C VAL A 904 -43.73 -1.72 -2.42
N LEU A 905 -43.24 -0.53 -2.79
CA LEU A 905 -41.84 -0.35 -3.17
C LEU A 905 -40.94 -0.72 -2.00
N VAL A 906 -41.23 -0.15 -0.84
CA VAL A 906 -40.46 -0.42 0.37
C VAL A 906 -40.42 -1.92 0.67
N THR A 907 -41.59 -2.55 0.67
CA THR A 907 -41.68 -3.97 0.97
C THR A 907 -40.95 -4.82 -0.08
N ILE A 908 -41.04 -4.42 -1.34
CA ILE A 908 -40.36 -5.16 -2.39
C ILE A 908 -38.86 -5.07 -2.18
N GLU A 909 -38.36 -3.87 -1.89
CA GLU A 909 -36.94 -3.68 -1.66
C GLU A 909 -36.44 -4.51 -0.49
N MET A 910 -37.20 -4.54 0.60
CA MET A 910 -36.81 -5.35 1.74
C MET A 910 -36.67 -6.78 1.25
N CYS A 911 -37.65 -7.23 0.49
CA CYS A 911 -37.64 -8.57 -0.05
C CYS A 911 -36.44 -8.75 -0.98
N ASN A 912 -36.15 -7.72 -1.76
CA ASN A 912 -35.04 -7.80 -2.69
C ASN A 912 -33.71 -7.73 -1.95
N ALA A 913 -33.74 -7.19 -0.74
CA ALA A 913 -32.53 -7.09 0.06
C ALA A 913 -32.14 -8.52 0.42
N LEU A 914 -33.14 -9.30 0.83
CA LEU A 914 -32.91 -10.69 1.18
C LEU A 914 -32.45 -11.48 -0.04
N ASN A 915 -32.97 -11.12 -1.21
CA ASN A 915 -32.59 -11.80 -2.45
C ASN A 915 -31.15 -11.47 -2.83
N SER A 916 -30.65 -10.36 -2.32
CA SER A 916 -29.30 -9.91 -2.63
C SER A 916 -28.21 -10.47 -1.73
N LEU A 917 -28.58 -11.24 -0.71
CA LEU A 917 -27.60 -11.84 0.18
C LEU A 917 -26.65 -12.66 -0.69
N SER A 918 -27.23 -13.36 -1.65
CA SER A 918 -26.46 -14.21 -2.56
C SER A 918 -26.86 -14.00 -4.01
N GLU A 919 -25.86 -13.96 -4.88
CA GLU A 919 -26.12 -13.77 -6.30
C GLU A 919 -27.02 -14.85 -6.87
N ASN A 920 -26.68 -16.11 -6.62
CA ASN A 920 -27.47 -17.21 -7.15
C ASN A 920 -27.96 -18.25 -6.14
N GLN A 921 -27.57 -18.10 -4.87
CA GLN A 921 -28.00 -19.06 -3.87
C GLN A 921 -29.38 -18.76 -3.34
N SER A 922 -30.19 -19.81 -3.24
CA SER A 922 -31.55 -19.68 -2.77
C SER A 922 -31.60 -19.37 -1.29
N LEU A 923 -32.66 -18.69 -0.87
CA LEU A 923 -32.83 -18.33 0.53
C LEU A 923 -33.06 -19.61 1.33
N MET A 924 -33.17 -20.71 0.61
CA MET A 924 -33.35 -22.02 1.21
C MET A 924 -31.97 -22.56 1.57
N ARG A 925 -31.03 -22.41 0.65
CA ARG A 925 -29.67 -22.88 0.86
C ARG A 925 -28.88 -21.91 1.73
N MET A 926 -29.20 -20.62 1.64
CA MET A 926 -28.50 -19.59 2.41
C MET A 926 -29.51 -18.70 3.14
N PRO A 927 -29.94 -19.14 4.34
CA PRO A 927 -30.91 -18.47 5.23
C PRO A 927 -30.71 -16.97 5.41
N PRO A 928 -31.82 -16.23 5.59
CA PRO A 928 -31.77 -14.77 5.78
C PRO A 928 -30.98 -14.36 7.03
N TRP A 929 -31.05 -15.19 8.07
CA TRP A 929 -30.35 -14.89 9.32
C TRP A 929 -28.84 -15.07 9.21
N VAL A 930 -28.37 -15.46 8.02
CA VAL A 930 -26.94 -15.63 7.79
C VAL A 930 -26.27 -14.27 7.96
N ASN A 931 -27.08 -13.22 7.84
CA ASN A 931 -26.60 -11.85 7.98
C ASN A 931 -27.57 -11.17 8.95
N ILE A 932 -27.30 -11.27 10.24
CA ILE A 932 -28.16 -10.66 11.24
C ILE A 932 -28.29 -9.16 11.01
N TRP A 933 -27.19 -8.52 10.63
CA TRP A 933 -27.22 -7.08 10.38
C TRP A 933 -28.27 -6.69 9.34
N LEU A 934 -28.51 -7.55 8.37
CA LEU A 934 -29.50 -7.25 7.35
C LEU A 934 -30.89 -7.27 7.97
N LEU A 935 -31.15 -8.32 8.74
CA LEU A 935 -32.44 -8.47 9.41
C LEU A 935 -32.74 -7.24 10.25
N GLY A 936 -31.69 -6.65 10.82
CA GLY A 936 -31.88 -5.47 11.64
C GLY A 936 -32.19 -4.28 10.78
N SER A 937 -31.41 -4.12 9.71
CA SER A 937 -31.61 -2.99 8.79
C SER A 937 -33.02 -2.98 8.23
N ILE A 938 -33.65 -4.16 8.17
CA ILE A 938 -35.00 -4.24 7.65
C ILE A 938 -35.99 -3.75 8.70
N CYS A 939 -35.86 -4.25 9.92
CA CYS A 939 -36.74 -3.82 10.99
C CYS A 939 -36.59 -2.31 11.19
N LEU A 940 -35.35 -1.84 11.07
CA LEU A 940 -35.07 -0.43 11.24
C LEU A 940 -35.58 0.42 10.07
N SER A 941 -35.62 -0.18 8.89
CA SER A 941 -36.10 0.54 7.72
C SER A 941 -37.62 0.60 7.71
N MET A 942 -38.26 -0.48 8.16
CA MET A 942 -39.71 -0.53 8.21
C MET A 942 -40.24 0.38 9.32
N SER A 943 -39.48 0.50 10.40
CA SER A 943 -39.89 1.35 11.50
C SER A 943 -39.80 2.80 11.03
N LEU A 944 -38.78 3.09 10.22
CA LEU A 944 -38.61 4.44 9.68
C LEU A 944 -39.68 4.72 8.65
N HIS A 945 -40.51 3.71 8.41
CA HIS A 945 -41.60 3.82 7.45
C HIS A 945 -42.90 4.20 8.17
N PHE A 946 -43.28 3.40 9.16
CA PHE A 946 -44.47 3.68 9.94
C PHE A 946 -44.26 5.01 10.65
N LEU A 947 -43.02 5.46 10.64
CA LEU A 947 -42.65 6.72 11.27
C LEU A 947 -43.01 7.86 10.33
N ILE A 948 -42.84 7.61 9.04
CA ILE A 948 -43.14 8.61 8.03
C ILE A 948 -44.66 8.66 7.78
N LEU A 949 -45.37 7.69 8.36
CA LEU A 949 -46.83 7.60 8.21
C LEU A 949 -47.62 7.95 9.47
N TYR A 950 -46.94 8.42 10.51
CA TYR A 950 -47.62 8.76 11.75
C TYR A 950 -47.24 10.13 12.28
N VAL A 951 -45.94 10.40 12.33
CA VAL A 951 -45.46 11.69 12.84
C VAL A 951 -45.85 12.81 11.88
N ASP A 952 -47.00 13.41 12.17
CA ASP A 952 -47.59 14.49 11.37
C ASP A 952 -46.65 15.26 10.45
N PRO A 953 -45.58 15.85 10.99
CA PRO A 953 -44.64 16.60 10.15
C PRO A 953 -44.18 15.85 8.90
N LEU A 954 -44.20 14.52 8.97
CA LEU A 954 -43.76 13.69 7.85
C LEU A 954 -44.82 13.40 6.78
N PRO A 955 -45.89 12.68 7.14
CA PRO A 955 -46.94 12.36 6.16
C PRO A 955 -47.43 13.60 5.42
N MET A 956 -47.12 14.76 5.98
CA MET A 956 -47.50 16.03 5.40
C MET A 956 -46.61 16.38 4.21
N ILE A 957 -45.30 16.38 4.42
CA ILE A 957 -44.34 16.70 3.37
C ILE A 957 -44.16 15.58 2.35
N PHE A 958 -44.29 14.33 2.80
CA PHE A 958 -44.13 13.18 1.90
C PHE A 958 -45.42 12.84 1.16
N LYS A 959 -46.47 13.61 1.39
CA LYS A 959 -47.76 13.37 0.72
C LYS A 959 -48.24 11.95 1.01
N LEU A 960 -48.15 11.52 2.26
CA LEU A 960 -48.55 10.16 2.63
C LEU A 960 -49.72 10.10 3.62
N LYS A 961 -50.26 8.90 3.77
CA LYS A 961 -51.39 8.67 4.68
C LYS A 961 -51.41 7.20 5.15
N ALA A 962 -51.30 7.00 6.46
CA ALA A 962 -51.30 5.66 7.04
C ALA A 962 -52.33 4.75 6.39
N LEU A 963 -51.85 3.62 5.85
CA LEU A 963 -52.71 2.66 5.18
C LEU A 963 -53.50 1.80 6.15
N ASP A 964 -54.58 1.20 5.65
CA ASP A 964 -55.44 0.34 6.44
C ASP A 964 -54.73 -0.98 6.71
N LEU A 965 -55.05 -1.59 7.85
CA LEU A 965 -54.45 -2.86 8.23
C LEU A 965 -54.86 -3.89 7.17
N THR A 966 -55.68 -3.45 6.23
CA THR A 966 -56.16 -4.30 5.15
C THR A 966 -55.46 -3.90 3.87
N GLN A 967 -55.09 -2.63 3.76
CA GLN A 967 -54.38 -2.15 2.57
C GLN A 967 -52.99 -2.75 2.57
N TRP A 968 -52.45 -2.96 3.78
CA TRP A 968 -51.13 -3.57 3.90
C TRP A 968 -51.17 -4.99 3.39
N LEU A 969 -52.21 -5.72 3.79
CA LEU A 969 -52.38 -7.10 3.37
C LEU A 969 -52.27 -7.16 1.85
N MET A 970 -52.65 -6.07 1.18
CA MET A 970 -52.58 -6.02 -0.28
C MET A 970 -51.15 -5.73 -0.69
N VAL A 971 -50.51 -4.83 0.05
CA VAL A 971 -49.13 -4.48 -0.23
C VAL A 971 -48.30 -5.75 -0.14
N LEU A 972 -48.57 -6.55 0.88
CA LEU A 972 -47.86 -7.80 1.09
C LEU A 972 -48.07 -8.77 -0.08
N LYS A 973 -49.33 -8.95 -0.50
CA LYS A 973 -49.66 -9.85 -1.60
C LYS A 973 -48.98 -9.39 -2.90
N ILE A 974 -48.82 -8.08 -3.06
CA ILE A 974 -48.19 -7.51 -4.23
C ILE A 974 -46.66 -7.62 -4.16
N SER A 975 -46.12 -7.42 -2.96
CA SER A 975 -44.67 -7.45 -2.76
C SER A 975 -44.02 -8.81 -2.59
N LEU A 976 -44.36 -9.51 -1.50
CA LEU A 976 -43.81 -10.82 -1.21
C LEU A 976 -43.44 -11.66 -2.43
N PRO A 977 -44.38 -11.88 -3.36
CA PRO A 977 -44.09 -12.69 -4.55
C PRO A 977 -42.78 -12.41 -5.28
N VAL A 978 -42.20 -11.23 -5.08
CA VAL A 978 -40.92 -10.88 -5.73
C VAL A 978 -39.86 -11.89 -5.30
N ILE A 979 -40.05 -12.45 -4.10
CA ILE A 979 -39.13 -13.44 -3.58
C ILE A 979 -39.28 -14.67 -4.44
N GLY A 980 -40.51 -14.97 -4.83
CA GLY A 980 -40.77 -16.13 -5.66
C GLY A 980 -40.18 -15.92 -7.04
N LEU A 981 -40.36 -14.73 -7.59
CA LEU A 981 -39.84 -14.43 -8.91
C LEU A 981 -38.33 -14.62 -9.02
N ASP A 982 -37.60 -14.13 -8.03
CA ASP A 982 -36.15 -14.23 -8.03
C ASP A 982 -35.69 -15.64 -7.69
N GLU A 983 -36.38 -16.27 -6.76
CA GLU A 983 -36.05 -17.62 -6.35
C GLU A 983 -36.06 -18.51 -7.60
N ILE A 984 -36.95 -18.18 -8.53
CA ILE A 984 -37.10 -18.91 -9.78
C ILE A 984 -35.96 -18.58 -10.74
N LEU A 985 -35.70 -17.28 -10.91
CA LEU A 985 -34.63 -16.84 -11.79
C LEU A 985 -33.30 -17.39 -11.30
N LYS A 986 -33.14 -17.50 -9.99
CA LYS A 986 -31.91 -18.05 -9.42
C LYS A 986 -31.81 -19.54 -9.78
N PHE A 987 -32.90 -20.27 -9.53
CA PHE A 987 -33.00 -21.69 -9.82
C PHE A 987 -32.56 -21.99 -11.25
N ILE A 988 -33.06 -21.21 -12.20
CA ILE A 988 -32.71 -21.38 -13.62
C ILE A 988 -31.19 -21.27 -13.79
N ALA A 989 -30.61 -20.25 -13.16
CA ALA A 989 -29.17 -20.00 -13.25
C ALA A 989 -28.32 -21.13 -12.69
N ARG A 990 -28.67 -21.62 -11.52
CA ARG A 990 -27.89 -22.70 -10.90
C ARG A 990 -27.93 -23.98 -11.73
N ASN A 991 -29.14 -24.44 -12.06
CA ASN A 991 -29.32 -25.66 -12.82
C ASN A 991 -29.04 -25.53 -14.31
N TYR A 992 -30.04 -25.09 -15.07
CA TYR A 992 -29.90 -24.95 -16.51
C TYR A 992 -28.95 -23.85 -16.96
N LEU A 993 -27.99 -23.54 -16.10
CA LEU A 993 -26.97 -22.53 -16.37
C LEU A 993 -25.78 -22.77 -15.44
N GLU A 994 -24.66 -22.12 -15.74
CA GLU A 994 -23.46 -22.30 -14.93
C GLU A 994 -23.45 -21.38 -13.72
N GLY A 995 -24.64 -20.89 -13.34
CA GLY A 995 -24.76 -19.99 -12.21
C GLY A 995 -24.24 -20.54 -10.90
#